data_4QDF
#
_entry.id   4QDF
#
_cell.length_a   273.680
_cell.length_b   273.680
_cell.length_c   273.680
_cell.angle_alpha   90.000
_cell.angle_beta   90.000
_cell.angle_gamma   90.000
#
_symmetry.space_group_name_H-M   'F 2 3'
#
loop_
_entity.id
_entity.type
_entity.pdbx_description
1 polymer '3-ketosteroid 9alpha-hydroxylase oxygenase'
2 polymer '3-ketosteroid 9alpha-hydroxylase oxygenase'
3 non-polymer 'FE2/S2 (INORGANIC) CLUSTER'
4 non-polymer 'FE (II) ION'
5 non-polymer GLYCEROL
6 non-polymer 'TETRAETHYLENE GLYCOL'
7 non-polymer 'S-[2-(propanoylamino)ethyl] (2S)-2-[(8S,9S,10R,13S,14S,17R)-10,13-dimethyl-3-oxo-6,7,8,9,10,11,12,13,14,15,16,17-dodecahydro-3H-cyclopenta[a]phenanthren-17-yl]propanethioate (non-preferred name)'
8 non-polymer 'PHOSPHATE ION'
9 water water
#
loop_
_entity_poly.entity_id
_entity_poly.type
_entity_poly.pdbx_seq_one_letter_code
_entity_poly.pdbx_strand_id
1 'polypeptide(L)'
;MSIDTARSGSDDDVEIREIQAAAAPTRFARGWHCLGLLRDFQDGKPHSIEAFGTKLVVFADSKGQLNVLDAYCRHMGGDL
SRGEVKGDSIACPFHDWRWNGKGKCTDIPYARRVPPIAKTRAWTTLERNGQLYVWNDPQGNPPPEDVTIPEIAGYGTDEW
TDWSWKSLRIKGSHCREIVDNVVDMAHFFYIHYSFPRYFKNVFEGHTATQYMHSTGREDVISGTNYDDPNAELRSEATYF
GPSYMIDWLESDANGQTIETILINCHYPVSNNEFVLQYGAIVKKLPGVSDEIAAGMAEQFAEGVQLGFEQDVEIWKNKAP
IDNPLLSEEDGPVYQLRRWYQQFYVDVEDITEDMTKRFEFEIDTTRAVASWQKEVAENLAKQAEGSTATP
;
A
2 'polypeptide(L)'
;MSLGTSEQSEIREIVAGSAPARFARGWHCLGLAKDFKDGKPHSVHAFGTKLVVWADSNDEIRILDAYCRHMGGDLSQGTV
KGDEIACPFHDWRWGGNGRCKNIPYARRVPPIAKTRAWHTLDQDGLLFVWHDPQGNPPPADVTIPRIAGATSDEWTDWVW
YTTEVDTNCREIIDNIVDMAHFFYVHYSFPVYFKNVFEGHVASQFMRGQAREDTRPHANGQPKMIGSRSDASYFGPSFMI
DDLVYEYEGYDVESVLINCHYPVSQDKFVLMYGMIVKKSDRLEGEKALQTAQQFGNFIAKGFEQDIEIWRNKTRIDNPLL
CEEDGPVYQLRRWYEQFYVDVEDVAPEMTDRFEFEMDTTRPVAAWMKEVEANIARKAALDTETRSAPEQSTTAG
;
B
#
loop_
_chem_comp.id
_chem_comp.type
_chem_comp.name
_chem_comp.formula
30Q non-polymer 'S-[2-(propanoylamino)ethyl] (2S)-2-[(8S,9S,10R,13S,14S,17R)-10,13-dimethyl-3-oxo-6,7,8,9,10,11,12,13,14,15,16,17-dodecahydro-3H-cyclopenta[a]phenanthren-17-yl]propanethioate (non-preferred name)' 'C27 H39 N O3 S'
FE2 non-polymer 'FE (II) ION' 'Fe 2'
FES non-polymer 'FE2/S2 (INORGANIC) CLUSTER' 'Fe2 S2'
GOL non-polymer GLYCEROL 'C3 H8 O3'
PG4 non-polymer 'TETRAETHYLENE GLYCOL' 'C8 H18 O5'
PO4 non-polymer 'PHOSPHATE ION' 'O4 P -3'
#
# COMPACT_ATOMS: atom_id res chain seq x y z
N PRO A 25 -9.99 -26.83 -26.22
CA PRO A 25 -9.52 -26.89 -27.61
C PRO A 25 -8.05 -26.46 -27.79
N THR A 26 -7.73 -25.24 -27.36
CA THR A 26 -6.43 -24.59 -27.59
C THR A 26 -6.06 -23.82 -26.32
N ARG A 27 -4.85 -24.03 -25.82
CA ARG A 27 -4.50 -23.54 -24.48
C ARG A 27 -3.76 -22.19 -24.46
N PHE A 28 -4.31 -21.22 -23.74
CA PHE A 28 -3.69 -19.89 -23.64
C PHE A 28 -2.81 -19.79 -22.38
N ALA A 29 -1.83 -18.90 -22.46
CA ALA A 29 -0.81 -18.75 -21.42
C ALA A 29 -1.40 -18.30 -20.10
N ARG A 30 -0.98 -18.96 -19.02
CA ARG A 30 -1.30 -18.49 -17.68
C ARG A 30 -0.45 -17.27 -17.34
N GLY A 31 -1.08 -16.14 -17.06
CA GLY A 31 -0.37 -14.99 -16.57
C GLY A 31 -1.06 -13.66 -16.72
N TRP A 32 -0.39 -12.60 -16.24
CA TRP A 32 -0.88 -11.25 -16.42
C TRP A 32 -0.77 -10.85 -17.87
N HIS A 33 -1.83 -10.21 -18.37
CA HIS A 33 -1.89 -9.69 -19.72
C HIS A 33 -2.48 -8.30 -19.62
N CYS A 34 -1.88 -7.36 -20.33
CA CYS A 34 -2.33 -5.98 -20.32
C CYS A 34 -3.37 -5.78 -21.41
N LEU A 35 -4.55 -5.30 -21.03
CA LEU A 35 -5.61 -5.06 -22.03
C LEU A 35 -5.59 -3.68 -22.63
N GLY A 36 -4.76 -2.78 -22.07
CA GLY A 36 -4.66 -1.42 -22.61
C GLY A 36 -4.44 -0.41 -21.50
N LEU A 37 -4.59 0.86 -21.86
CA LEU A 37 -4.35 1.96 -20.92
C LEU A 37 -5.59 2.26 -20.08
N LEU A 38 -5.39 2.47 -18.79
CA LEU A 38 -6.47 2.87 -17.87
C LEU A 38 -7.32 4.01 -18.39
N ARG A 39 -6.68 5.03 -18.93
CA ARG A 39 -7.38 6.22 -19.40
C ARG A 39 -8.38 5.92 -20.52
N ASP A 40 -8.18 4.84 -21.27
CA ASP A 40 -9.14 4.45 -22.30
C ASP A 40 -10.35 3.69 -21.72
N PHE A 41 -10.27 3.25 -20.47
CA PHE A 41 -11.38 2.54 -19.85
C PHE A 41 -12.14 3.34 -18.79
N GLN A 42 -11.59 4.46 -18.33
CA GLN A 42 -12.21 5.21 -17.24
C GLN A 42 -13.12 6.30 -17.81
N ASP A 43 -14.33 5.95 -18.24
CA ASP A 43 -15.11 6.95 -18.97
C ASP A 43 -16.63 7.14 -18.83
N GLY A 44 -17.39 6.54 -17.92
CA GLY A 44 -17.25 5.19 -17.39
C GLY A 44 -18.36 4.41 -18.07
N LYS A 45 -18.19 4.23 -19.38
CA LYS A 45 -19.02 3.37 -20.21
C LYS A 45 -18.36 1.97 -20.20
N PRO A 46 -19.06 0.96 -20.74
CA PRO A 46 -18.43 -0.36 -20.88
C PRO A 46 -17.60 -0.48 -22.16
N HIS A 47 -16.64 -1.41 -22.16
CA HIS A 47 -15.81 -1.67 -23.35
C HIS A 47 -15.68 -3.15 -23.62
N SER A 48 -15.69 -3.54 -24.88
CA SER A 48 -15.48 -4.93 -25.25
C SER A 48 -14.03 -5.20 -25.65
N ILE A 49 -13.53 -6.34 -25.22
CA ILE A 49 -12.23 -6.83 -25.62
C ILE A 49 -12.44 -8.25 -26.09
N GLU A 50 -12.01 -8.55 -27.31
CA GLU A 50 -12.00 -9.93 -27.78
C GLU A 50 -10.67 -10.55 -27.38
N ALA A 51 -10.73 -11.54 -26.51
CA ALA A 51 -9.52 -12.10 -25.94
C ALA A 51 -9.75 -13.49 -25.39
N PHE A 52 -8.70 -14.29 -25.43
CA PHE A 52 -8.76 -15.63 -24.86
C PHE A 52 -9.91 -16.44 -25.46
N GLY A 53 -10.15 -16.26 -26.75
CA GLY A 53 -11.16 -17.04 -27.46
C GLY A 53 -12.59 -16.70 -27.09
N THR A 54 -12.79 -15.60 -26.37
CA THR A 54 -14.13 -15.17 -26.03
C THR A 54 -14.25 -13.65 -26.13
N LYS A 55 -15.32 -13.08 -25.61
CA LYS A 55 -15.46 -11.63 -25.60
C LYS A 55 -15.56 -11.18 -24.16
N LEU A 56 -14.93 -10.06 -23.84
CA LEU A 56 -14.88 -9.58 -22.47
C LEU A 56 -15.49 -8.20 -22.40
N VAL A 57 -16.02 -7.85 -21.24
CA VAL A 57 -16.46 -6.49 -20.99
C VAL A 57 -15.61 -5.90 -19.87
N VAL A 58 -15.15 -4.68 -20.08
CA VAL A 58 -14.48 -3.90 -19.04
C VAL A 58 -15.38 -2.75 -18.64
N PHE A 59 -15.54 -2.53 -17.33
CA PHE A 59 -16.34 -1.40 -16.85
C PHE A 59 -15.92 -0.88 -15.47
N ALA A 60 -16.05 0.42 -15.27
CA ALA A 60 -15.79 1.05 -13.97
C ALA A 60 -17.00 0.98 -13.04
N ASP A 61 -16.78 0.59 -11.80
CA ASP A 61 -17.80 0.72 -10.77
C ASP A 61 -17.95 2.19 -10.32
N SER A 62 -18.76 2.43 -9.28
CA SER A 62 -19.06 3.81 -8.81
C SER A 62 -17.84 4.47 -8.17
N LYS A 63 -16.97 3.66 -7.56
CA LYS A 63 -15.70 4.14 -7.03
C LYS A 63 -14.62 4.24 -8.11
N GLY A 64 -14.98 4.09 -9.38
CA GLY A 64 -14.02 4.22 -10.48
C GLY A 64 -13.06 3.04 -10.73
N GLN A 65 -13.13 1.97 -9.94
CA GLN A 65 -12.30 0.79 -10.15
C GLN A 65 -12.80 -0.05 -11.33
N LEU A 66 -11.86 -0.67 -12.06
CA LEU A 66 -12.22 -1.41 -13.26
C LEU A 66 -12.53 -2.88 -13.00
N ASN A 67 -13.48 -3.39 -13.74
CA ASN A 67 -13.93 -4.78 -13.61
C ASN A 67 -13.97 -5.45 -14.97
N VAL A 68 -13.69 -6.75 -14.99
CA VAL A 68 -13.67 -7.52 -16.21
C VAL A 68 -14.45 -8.80 -16.03
N LEU A 69 -15.40 -9.02 -16.94
CA LEU A 69 -16.18 -10.25 -16.98
C LEU A 69 -16.29 -10.72 -18.44
N ASP A 70 -16.67 -11.99 -18.62
CA ASP A 70 -17.16 -12.45 -19.91
C ASP A 70 -18.26 -11.52 -20.34
N ALA A 71 -18.26 -11.18 -21.61
CA ALA A 71 -19.23 -10.24 -22.15
C ALA A 71 -20.64 -10.80 -22.25
N TYR A 72 -20.78 -12.11 -22.44
CA TYR A 72 -22.08 -12.67 -22.78
C TYR A 72 -22.83 -13.07 -21.54
N CYS A 73 -24.04 -12.56 -21.44
CA CYS A 73 -24.87 -12.71 -20.25
C CYS A 73 -25.33 -14.15 -20.09
N ARG A 74 -25.23 -14.68 -18.87
CA ARG A 74 -25.58 -16.08 -18.61
C ARG A 74 -27.08 -16.36 -18.56
N HIS A 75 -27.89 -15.31 -18.66
CA HIS A 75 -29.31 -15.50 -18.79
C HIS A 75 -29.62 -16.03 -20.18
N MET A 76 -29.67 -15.16 -21.19
CA MET A 76 -29.94 -15.60 -22.54
C MET A 76 -28.91 -15.11 -23.56
N GLY A 77 -27.72 -14.73 -23.10
CA GLY A 77 -26.61 -14.45 -24.02
C GLY A 77 -26.53 -13.03 -24.57
N GLY A 78 -27.19 -12.09 -23.90
CA GLY A 78 -27.08 -10.69 -24.27
C GLY A 78 -25.66 -10.18 -24.08
N ASP A 79 -25.34 -9.09 -24.78
CA ASP A 79 -23.98 -8.56 -24.79
C ASP A 79 -23.78 -7.45 -23.75
N LEU A 80 -23.22 -7.83 -22.61
CA LEU A 80 -23.00 -6.89 -21.52
C LEU A 80 -22.16 -5.67 -21.92
N SER A 81 -21.30 -5.84 -22.92
CA SER A 81 -20.46 -4.74 -23.37
C SER A 81 -21.31 -3.67 -24.02
N ARG A 82 -22.49 -4.05 -24.52
CA ARG A 82 -23.43 -3.08 -25.10
C ARG A 82 -24.49 -2.61 -24.09
N GLY A 83 -24.24 -2.80 -22.80
CA GLY A 83 -25.15 -2.38 -21.74
C GLY A 83 -24.77 -1.03 -21.17
N GLU A 84 -25.09 -0.81 -19.89
CA GLU A 84 -24.60 0.36 -19.18
C GLU A 84 -24.31 0.00 -17.75
N VAL A 85 -23.52 0.83 -17.08
CA VAL A 85 -23.17 0.61 -15.68
C VAL A 85 -24.23 1.21 -14.80
N LYS A 86 -24.62 0.47 -13.76
CA LYS A 86 -25.57 0.96 -12.77
C LYS A 86 -25.03 0.64 -11.41
N GLY A 87 -24.48 1.67 -10.75
CA GLY A 87 -23.85 1.51 -9.45
C GLY A 87 -22.54 0.78 -9.63
N ASP A 88 -22.45 -0.40 -9.02
CA ASP A 88 -21.23 -1.19 -9.08
C ASP A 88 -21.39 -2.44 -9.94
N SER A 89 -22.45 -2.48 -10.75
CA SER A 89 -22.75 -3.64 -11.57
C SER A 89 -22.98 -3.19 -13.01
N ILE A 90 -22.62 -4.06 -13.95
CA ILE A 90 -22.94 -3.84 -15.37
C ILE A 90 -24.35 -4.38 -15.60
N ALA A 91 -25.10 -3.68 -16.43
CA ALA A 91 -26.49 -4.02 -16.67
C ALA A 91 -26.66 -4.51 -18.09
N CYS A 92 -27.21 -5.71 -18.24
CA CYS A 92 -27.41 -6.31 -19.54
C CYS A 92 -28.42 -5.52 -20.33
N PRO A 93 -28.17 -5.28 -21.60
CA PRO A 93 -29.11 -4.52 -22.41
C PRO A 93 -30.31 -5.33 -22.88
N PHE A 94 -30.35 -6.63 -22.61
CA PHE A 94 -31.47 -7.43 -23.09
C PHE A 94 -32.62 -7.46 -22.06
N HIS A 95 -32.32 -7.87 -20.83
CA HIS A 95 -33.33 -7.87 -19.76
C HIS A 95 -32.84 -7.21 -18.46
N ASP A 96 -31.74 -6.46 -18.54
CA ASP A 96 -31.30 -5.58 -17.46
C ASP A 96 -30.83 -6.26 -16.18
N TRP A 97 -30.44 -7.52 -16.25
CA TRP A 97 -29.86 -8.17 -15.08
C TRP A 97 -28.52 -7.49 -14.75
N ARG A 98 -28.12 -7.57 -13.48
CA ARG A 98 -26.98 -6.80 -13.01
C ARG A 98 -25.87 -7.72 -12.55
N TRP A 99 -24.67 -7.46 -13.06
CA TRP A 99 -23.52 -8.29 -12.74
C TRP A 99 -22.38 -7.44 -12.16
N ASN A 100 -21.84 -7.86 -11.02
CA ASN A 100 -20.74 -7.13 -10.39
C ASN A 100 -19.39 -7.66 -10.81
N GLY A 101 -18.34 -7.00 -10.33
CA GLY A 101 -16.97 -7.31 -10.75
C GLY A 101 -16.43 -8.65 -10.34
N LYS A 102 -17.13 -9.33 -9.42
CA LYS A 102 -16.79 -10.72 -9.06
C LYS A 102 -17.68 -11.72 -9.80
N GLY A 103 -18.43 -11.24 -10.79
CA GLY A 103 -19.25 -12.12 -11.61
C GLY A 103 -20.58 -12.52 -11.01
N LYS A 104 -20.94 -11.92 -9.88
CA LYS A 104 -22.19 -12.27 -9.22
C LYS A 104 -23.34 -11.44 -9.74
N CYS A 105 -24.49 -12.08 -9.94
CA CYS A 105 -25.70 -11.37 -10.32
C CYS A 105 -26.25 -10.70 -9.09
N THR A 106 -26.23 -9.37 -9.08
CA THR A 106 -26.62 -8.61 -7.91
C THR A 106 -28.11 -8.26 -7.93
N ASP A 107 -28.75 -8.39 -9.08
CA ASP A 107 -30.15 -8.01 -9.17
C ASP A 107 -30.78 -8.49 -10.48
N ILE A 108 -31.96 -9.09 -10.36
CA ILE A 108 -32.88 -9.23 -11.48
C ILE A 108 -34.03 -8.29 -11.15
N PRO A 109 -34.04 -7.10 -11.76
CA PRO A 109 -34.91 -5.99 -11.30
C PRO A 109 -36.41 -6.26 -11.29
N TYR A 110 -36.88 -7.26 -12.02
CA TYR A 110 -38.30 -7.52 -12.15
C TYR A 110 -38.67 -8.82 -11.48
N ALA A 111 -37.76 -9.37 -10.69
CA ALA A 111 -37.98 -10.62 -10.00
C ALA A 111 -37.65 -10.44 -8.52
N ARG A 112 -38.28 -11.26 -7.68
CA ARG A 112 -38.14 -11.19 -6.24
C ARG A 112 -36.72 -11.52 -5.83
N ARG A 113 -36.19 -12.62 -6.35
CA ARG A 113 -34.86 -13.06 -5.96
C ARG A 113 -33.99 -13.44 -7.16
N VAL A 114 -32.72 -13.69 -6.87
CA VAL A 114 -31.73 -14.08 -7.85
C VAL A 114 -31.53 -15.57 -7.70
N PRO A 115 -31.71 -16.35 -8.77
CA PRO A 115 -31.43 -17.78 -8.63
C PRO A 115 -30.10 -17.97 -7.91
N PRO A 116 -30.01 -18.97 -7.02
CA PRO A 116 -28.86 -18.99 -6.12
C PRO A 116 -27.51 -19.29 -6.82
N ILE A 117 -27.54 -19.75 -8.07
CA ILE A 117 -26.33 -20.07 -8.83
C ILE A 117 -26.00 -19.05 -9.91
N ALA A 118 -26.44 -17.82 -9.75
CA ALA A 118 -26.25 -16.79 -10.77
C ALA A 118 -24.84 -16.19 -10.69
N LYS A 119 -23.92 -16.81 -11.41
CA LYS A 119 -22.52 -16.44 -11.41
C LYS A 119 -21.99 -16.53 -12.83
N THR A 120 -21.15 -15.59 -13.24
CA THR A 120 -20.42 -15.70 -14.52
C THR A 120 -18.94 -15.61 -14.23
N ARG A 121 -18.12 -15.76 -15.27
CA ARG A 121 -16.69 -15.71 -15.12
C ARG A 121 -16.19 -14.27 -14.94
N ALA A 122 -15.46 -14.07 -13.85
CA ALA A 122 -14.85 -12.80 -13.52
C ALA A 122 -13.33 -12.95 -13.63
N TRP A 123 -12.68 -11.91 -14.17
CA TRP A 123 -11.25 -11.88 -14.32
C TRP A 123 -10.64 -10.98 -13.26
N THR A 124 -9.64 -11.48 -12.56
CA THR A 124 -8.92 -10.69 -11.60
C THR A 124 -8.12 -9.59 -12.31
N THR A 125 -8.20 -8.38 -11.76
CA THR A 125 -7.61 -7.19 -12.37
C THR A 125 -6.39 -6.67 -11.60
N LEU A 126 -5.58 -5.88 -12.27
CA LEU A 126 -4.51 -5.12 -11.66
C LEU A 126 -4.44 -3.82 -12.41
N GLU A 127 -4.53 -2.70 -11.69
CA GLU A 127 -4.34 -1.38 -12.29
C GLU A 127 -2.98 -0.88 -11.81
N ARG A 128 -2.09 -0.60 -12.74
CA ARG A 128 -0.74 -0.20 -12.39
C ARG A 128 -0.04 0.37 -13.62
N ASN A 129 0.90 1.27 -13.40
CA ASN A 129 1.63 1.89 -14.49
C ASN A 129 0.72 2.46 -15.54
N GLY A 130 -0.45 2.96 -15.13
CA GLY A 130 -1.41 3.55 -16.08
C GLY A 130 -2.02 2.57 -17.06
N GLN A 131 -1.98 1.29 -16.72
CA GLN A 131 -2.46 0.22 -17.58
C GLN A 131 -3.35 -0.74 -16.80
N LEU A 132 -4.17 -1.49 -17.55
CA LEU A 132 -5.05 -2.50 -16.98
C LEU A 132 -4.57 -3.89 -17.34
N TYR A 133 -4.42 -4.74 -16.34
CA TYR A 133 -3.98 -6.11 -16.56
C TYR A 133 -5.04 -7.07 -16.05
N VAL A 134 -5.17 -8.21 -16.72
CA VAL A 134 -6.03 -9.32 -16.24
C VAL A 134 -5.22 -10.58 -16.09
N TRP A 135 -5.59 -11.38 -15.10
CA TRP A 135 -4.94 -12.66 -14.86
C TRP A 135 -5.68 -13.73 -15.61
N ASN A 136 -4.99 -14.42 -16.51
CA ASN A 136 -5.54 -15.59 -17.15
C ASN A 136 -4.95 -16.86 -16.58
N ASP A 137 -5.80 -17.86 -16.36
CA ASP A 137 -5.35 -19.18 -15.93
C ASP A 137 -6.38 -20.26 -16.25
N PRO A 138 -6.05 -21.17 -17.18
CA PRO A 138 -6.97 -22.26 -17.48
C PRO A 138 -7.35 -23.10 -16.26
N GLN A 139 -6.48 -23.22 -15.27
CA GLN A 139 -6.78 -24.01 -14.09
C GLN A 139 -7.74 -23.29 -13.14
N GLY A 140 -8.01 -22.01 -13.42
CA GLY A 140 -9.03 -21.27 -12.70
C GLY A 140 -8.60 -20.72 -11.35
N ASN A 141 -7.29 -20.74 -11.08
CA ASN A 141 -6.77 -20.24 -9.81
C ASN A 141 -6.46 -18.76 -9.83
N PRO A 142 -6.37 -18.16 -8.64
CA PRO A 142 -6.07 -16.74 -8.61
C PRO A 142 -4.58 -16.52 -8.72
N PRO A 143 -4.18 -15.27 -9.03
CA PRO A 143 -2.78 -14.96 -9.13
C PRO A 143 -2.10 -15.08 -7.78
N PRO A 144 -0.99 -15.81 -7.72
CA PRO A 144 -0.23 -15.76 -6.48
C PRO A 144 0.45 -14.40 -6.32
N GLU A 145 0.70 -14.06 -5.07
CA GLU A 145 1.23 -12.75 -4.73
C GLU A 145 2.62 -12.53 -5.31
N ASP A 146 3.41 -13.59 -5.44
CA ASP A 146 4.77 -13.43 -5.96
C ASP A 146 4.85 -13.38 -7.48
N VAL A 147 3.72 -13.44 -8.17
CA VAL A 147 3.68 -13.27 -9.61
C VAL A 147 2.87 -12.02 -9.91
N THR A 148 3.55 -10.96 -10.34
CA THR A 148 2.91 -9.67 -10.53
C THR A 148 3.62 -8.87 -11.62
N ILE A 149 3.19 -7.62 -11.80
CA ILE A 149 3.84 -6.70 -12.73
C ILE A 149 4.46 -5.60 -11.90
N PRO A 150 5.78 -5.35 -12.04
CA PRO A 150 6.40 -4.36 -11.16
C PRO A 150 5.96 -2.94 -11.43
N GLU A 151 5.99 -2.11 -10.40
CA GLU A 151 5.72 -0.68 -10.51
C GLU A 151 6.87 -0.09 -11.30
N ILE A 152 6.57 0.65 -12.35
CA ILE A 152 7.61 1.34 -13.08
C ILE A 152 7.88 2.65 -12.38
N ALA A 153 9.03 2.73 -11.69
CA ALA A 153 9.47 3.98 -11.07
C ALA A 153 9.56 5.07 -12.13
N GLY A 154 9.00 6.24 -11.86
CA GLY A 154 8.98 7.33 -12.83
C GLY A 154 7.63 7.56 -13.48
N TYR A 155 6.78 6.53 -13.54
CA TYR A 155 5.44 6.73 -14.08
C TYR A 155 4.57 7.50 -13.10
N GLY A 156 3.76 8.42 -13.62
CA GLY A 156 2.85 9.23 -12.80
C GLY A 156 3.60 10.30 -12.04
N THR A 157 4.28 11.16 -12.79
CA THR A 157 5.35 11.98 -12.26
C THR A 157 5.69 13.00 -13.32
N ASP A 158 5.90 14.24 -12.90
CA ASP A 158 6.13 15.35 -13.82
C ASP A 158 7.38 15.14 -14.65
N GLU A 159 8.38 14.49 -14.04
CA GLU A 159 9.65 14.15 -14.70
C GLU A 159 9.47 13.34 -16.00
N TRP A 160 8.45 12.49 -16.06
CA TRP A 160 8.23 11.58 -17.18
C TRP A 160 6.96 11.90 -17.95
N THR A 161 7.00 11.68 -19.27
CA THR A 161 5.79 11.82 -20.10
C THR A 161 4.76 10.76 -19.76
N ASP A 162 3.60 10.86 -20.40
CA ASP A 162 2.58 9.83 -20.34
C ASP A 162 2.73 8.98 -21.61
N TRP A 163 2.14 7.79 -21.57
CA TRP A 163 2.28 6.80 -22.63
C TRP A 163 1.81 7.31 -23.97
N SER A 164 2.70 7.26 -24.96
CA SER A 164 2.26 7.24 -26.33
C SER A 164 2.11 5.76 -26.62
N TRP A 165 0.93 5.36 -27.06
CA TRP A 165 0.55 3.96 -27.14
C TRP A 165 -0.02 3.64 -28.51
N LYS A 166 0.22 2.43 -28.99
CA LYS A 166 -0.31 1.98 -30.29
C LYS A 166 -0.65 0.50 -30.22
N SER A 167 -1.46 0.06 -31.17
CA SER A 167 -2.05 -1.26 -31.09
C SER A 167 -2.32 -1.82 -32.48
N LEU A 168 -2.17 -3.12 -32.64
CA LEU A 168 -2.54 -3.76 -33.89
C LEU A 168 -2.83 -5.24 -33.69
N ARG A 169 -3.34 -5.87 -34.74
CA ARG A 169 -3.67 -7.29 -34.69
C ARG A 169 -2.77 -8.02 -35.63
N ILE A 170 -2.31 -9.19 -35.23
CA ILE A 170 -1.55 -10.06 -36.09
C ILE A 170 -2.23 -11.41 -36.18
N LYS A 171 -2.39 -11.90 -37.42
CA LYS A 171 -3.09 -13.15 -37.70
C LYS A 171 -2.16 -14.14 -38.37
N GLY A 172 -2.47 -15.42 -38.21
CA GLY A 172 -1.64 -16.46 -38.80
C GLY A 172 -0.37 -16.75 -38.02
N SER A 173 -0.30 -16.26 -36.79
CA SER A 173 0.88 -16.46 -35.97
C SER A 173 0.52 -16.69 -34.50
N HIS A 174 1.52 -17.16 -33.76
CA HIS A 174 1.42 -17.35 -32.32
C HIS A 174 2.08 -16.22 -31.53
N CYS A 175 1.61 -16.03 -30.31
CA CYS A 175 2.23 -15.15 -29.33
C CYS A 175 3.74 -15.41 -29.21
N ARG A 176 4.11 -16.69 -29.25
CA ARG A 176 5.50 -17.10 -29.02
C ARG A 176 6.49 -16.52 -30.00
N GLU A 177 6.02 -16.21 -31.20
CA GLU A 177 6.90 -15.72 -32.24
C GLU A 177 7.38 -14.29 -31.89
N ILE A 178 6.64 -13.57 -31.04
CA ILE A 178 7.11 -12.28 -30.53
C ILE A 178 8.19 -12.53 -29.47
N VAL A 179 7.90 -13.47 -28.59
CA VAL A 179 8.78 -13.82 -27.49
C VAL A 179 10.13 -14.32 -27.98
N ASP A 180 10.15 -15.00 -29.13
CA ASP A 180 11.40 -15.49 -29.69
C ASP A 180 12.47 -14.39 -29.83
N ASN A 181 12.03 -13.14 -29.99
CA ASN A 181 12.97 -12.05 -30.17
C ASN A 181 13.89 -11.74 -28.98
N VAL A 182 13.50 -12.17 -27.78
CA VAL A 182 14.32 -11.98 -26.59
C VAL A 182 15.77 -12.42 -26.83
N VAL A 183 15.97 -13.47 -27.62
CA VAL A 183 17.27 -14.07 -27.79
C VAL A 183 17.88 -13.76 -29.14
N ASP A 184 17.29 -12.81 -29.87
CA ASP A 184 17.69 -12.56 -31.25
C ASP A 184 18.68 -11.41 -31.31
N MET A 185 19.95 -11.78 -31.26
CA MET A 185 21.02 -10.82 -31.28
C MET A 185 21.18 -10.26 -32.69
N ALA A 186 21.21 -11.14 -33.68
CA ALA A 186 21.49 -10.72 -35.07
C ALA A 186 20.53 -9.71 -35.65
N HIS A 187 19.26 -9.73 -35.25
CA HIS A 187 18.29 -8.86 -35.92
C HIS A 187 18.56 -7.39 -35.64
N PHE A 188 19.28 -7.09 -34.57
CA PHE A 188 19.63 -5.69 -34.28
C PHE A 188 20.38 -4.99 -35.43
N PHE A 189 21.20 -5.75 -36.14
CA PHE A 189 21.93 -5.21 -37.27
C PHE A 189 21.02 -5.09 -38.49
N TYR A 190 20.35 -6.17 -38.83
CA TYR A 190 19.55 -6.23 -40.07
C TYR A 190 18.23 -5.46 -40.02
N ILE A 191 17.61 -5.44 -38.84
CA ILE A 191 16.27 -4.87 -38.66
C ILE A 191 16.34 -3.53 -37.97
N HIS A 192 17.21 -3.37 -36.99
CA HIS A 192 17.32 -2.08 -36.28
C HIS A 192 18.53 -1.25 -36.67
N TYR A 193 19.31 -1.72 -37.64
CA TYR A 193 20.43 -0.95 -38.19
C TYR A 193 21.46 -0.50 -37.16
N SER A 194 21.83 -1.42 -36.27
CA SER A 194 22.73 -1.11 -35.17
C SER A 194 23.65 -2.31 -34.88
N PHE A 195 24.79 -2.06 -34.24
CA PHE A 195 25.72 -3.13 -33.87
C PHE A 195 25.49 -3.51 -32.43
N PRO A 196 25.04 -4.74 -32.18
CA PRO A 196 24.90 -5.20 -30.82
C PRO A 196 26.27 -5.61 -30.29
N ARG A 197 26.84 -4.77 -29.43
CA ARG A 197 28.22 -4.95 -28.99
C ARG A 197 28.29 -5.77 -27.71
N TYR A 198 27.22 -5.74 -26.93
CA TYR A 198 27.04 -6.61 -25.77
C TYR A 198 25.66 -7.27 -25.85
N PHE A 199 25.57 -8.54 -25.52
CA PHE A 199 24.29 -9.27 -25.60
C PHE A 199 24.22 -10.43 -24.62
N LYS A 200 23.25 -10.39 -23.72
CA LYS A 200 23.13 -11.43 -22.71
C LYS A 200 21.68 -11.70 -22.34
N ASN A 201 21.37 -12.98 -22.13
CA ASN A 201 20.07 -13.42 -21.67
C ASN A 201 20.16 -14.04 -20.29
N VAL A 202 19.12 -13.79 -19.49
CA VAL A 202 18.95 -14.47 -18.21
C VAL A 202 17.49 -14.88 -18.06
N PHE A 203 17.26 -16.18 -17.91
CA PHE A 203 15.91 -16.70 -17.66
C PHE A 203 15.88 -17.25 -16.27
N GLU A 204 14.81 -16.93 -15.54
CA GLU A 204 14.75 -17.25 -14.14
C GLU A 204 13.32 -17.15 -13.66
N GLY A 205 12.81 -18.22 -13.06
CA GLY A 205 11.46 -18.21 -12.51
C GLY A 205 10.48 -17.90 -13.63
N HIS A 206 9.69 -16.86 -13.47
CA HIS A 206 8.74 -16.46 -14.50
C HIS A 206 9.16 -15.21 -15.28
N THR A 207 10.47 -14.90 -15.31
CA THR A 207 10.97 -13.77 -16.10
C THR A 207 12.04 -14.17 -17.09
N ALA A 208 12.10 -13.43 -18.19
CA ALA A 208 13.13 -13.66 -19.19
C ALA A 208 13.69 -12.31 -19.60
N THR A 209 15.01 -12.18 -19.57
CA THR A 209 15.64 -10.88 -19.73
C THR A 209 16.65 -10.88 -20.86
N GLN A 210 16.68 -9.77 -21.59
CA GLN A 210 17.71 -9.50 -22.59
C GLN A 210 18.45 -8.21 -22.18
N TYR A 211 19.77 -8.32 -22.03
CA TYR A 211 20.63 -7.15 -21.85
C TYR A 211 21.40 -6.96 -23.13
N MET A 212 21.37 -5.75 -23.69
CA MET A 212 22.22 -5.48 -24.83
C MET A 212 22.65 -4.02 -24.95
N HIS A 213 23.82 -3.82 -25.54
CA HIS A 213 24.34 -2.48 -25.81
C HIS A 213 24.59 -2.37 -27.30
N SER A 214 24.27 -1.22 -27.89
CA SER A 214 24.51 -1.07 -29.34
C SER A 214 24.96 0.34 -29.72
N THR A 215 25.54 0.44 -30.91
CA THR A 215 25.78 1.73 -31.56
C THR A 215 25.24 1.63 -32.97
N GLY A 216 24.80 2.77 -33.49
CA GLY A 216 24.18 2.83 -34.81
C GLY A 216 25.14 2.64 -35.98
N ARG A 217 24.60 2.17 -37.09
CA ARG A 217 25.37 2.01 -38.30
C ARG A 217 25.57 3.37 -38.95
N GLU A 218 26.76 3.61 -39.47
CA GLU A 218 27.07 4.85 -40.18
C GLU A 218 26.52 4.86 -41.60
N ASP A 219 26.26 3.69 -42.17
CA ASP A 219 25.80 3.57 -43.57
C ASP A 219 24.27 3.68 -43.75
N VAL A 220 23.57 4.03 -42.69
CA VAL A 220 22.11 4.06 -42.72
C VAL A 220 21.64 5.17 -41.80
N ILE A 221 20.68 5.95 -42.27
CA ILE A 221 20.00 6.93 -41.44
C ILE A 221 18.50 6.65 -41.51
N SER A 222 17.93 6.28 -40.36
CA SER A 222 16.49 6.14 -40.17
C SER A 222 16.20 6.60 -38.75
N GLY A 223 15.19 7.43 -38.57
CA GLY A 223 15.02 8.15 -37.31
C GLY A 223 14.50 7.35 -36.13
N THR A 224 15.18 6.25 -35.80
CA THR A 224 14.87 5.47 -34.59
C THR A 224 15.88 5.77 -33.48
N ASN A 225 15.56 5.31 -32.28
CA ASN A 225 16.48 5.37 -31.12
C ASN A 225 17.74 4.50 -31.25
N TYR A 226 17.83 3.68 -32.30
CA TYR A 226 19.02 2.86 -32.56
C TYR A 226 19.99 3.55 -33.54
N ASP A 227 19.59 4.72 -34.05
CA ASP A 227 20.22 5.33 -35.23
C ASP A 227 21.63 5.87 -34.97
N ASP A 228 21.84 6.53 -33.83
CA ASP A 228 23.05 7.33 -33.61
C ASP A 228 24.33 6.48 -33.48
N PRO A 229 25.29 6.64 -34.42
CA PRO A 229 26.56 5.93 -34.28
C PRO A 229 27.44 6.46 -33.15
N ASN A 230 27.20 7.71 -32.74
CA ASN A 230 27.99 8.34 -31.67
C ASN A 230 27.51 7.99 -30.28
N ALA A 231 26.23 7.65 -30.17
CA ALA A 231 25.63 7.29 -28.88
C ALA A 231 25.67 5.79 -28.66
N GLU A 232 25.92 5.39 -27.41
CA GLU A 232 25.76 4.00 -27.00
C GLU A 232 24.35 3.83 -26.44
N LEU A 233 23.65 2.83 -26.96
CA LEU A 233 22.32 2.46 -26.45
C LEU A 233 22.47 1.32 -25.47
N ARG A 234 21.90 1.49 -24.28
CA ARG A 234 21.88 0.44 -23.28
C ARG A 234 20.43 0.02 -23.06
N SER A 235 20.17 -1.28 -23.20
CA SER A 235 18.82 -1.82 -23.08
C SER A 235 18.78 -2.95 -22.07
N GLU A 236 17.80 -2.87 -21.17
CA GLU A 236 17.43 -4.03 -20.35
C GLU A 236 15.93 -4.29 -20.52
N ALA A 237 15.61 -5.43 -21.15
CA ALA A 237 14.23 -5.79 -21.50
C ALA A 237 13.85 -7.10 -20.84
N THR A 238 12.79 -7.07 -20.04
CA THR A 238 12.37 -8.24 -19.30
C THR A 238 10.90 -8.58 -19.48
N TYR A 239 10.63 -9.85 -19.78
CA TYR A 239 9.25 -10.37 -19.77
C TYR A 239 8.91 -10.70 -18.33
N PHE A 240 7.89 -10.04 -17.81
CA PHE A 240 7.41 -10.35 -16.48
C PHE A 240 6.19 -11.23 -16.70
N GLY A 241 6.47 -12.52 -16.89
CA GLY A 241 5.47 -13.45 -17.32
C GLY A 241 5.48 -13.63 -18.82
N PRO A 242 4.42 -14.27 -19.36
CA PRO A 242 4.46 -14.68 -20.76
C PRO A 242 4.13 -13.59 -21.76
N SER A 243 3.57 -12.49 -21.32
CA SER A 243 2.95 -11.56 -22.27
C SER A 243 3.40 -10.12 -22.19
N TYR A 244 4.14 -9.77 -21.15
CA TYR A 244 4.36 -8.36 -20.87
C TYR A 244 5.84 -8.09 -20.66
N MET A 245 6.38 -7.24 -21.53
CA MET A 245 7.79 -6.87 -21.48
C MET A 245 7.96 -5.39 -21.22
N ILE A 246 8.85 -5.06 -20.28
CA ILE A 246 9.27 -3.69 -20.04
C ILE A 246 10.74 -3.58 -20.46
N ASP A 247 11.03 -2.62 -21.33
CA ASP A 247 12.40 -2.39 -21.83
C ASP A 247 12.90 -1.02 -21.38
N TRP A 248 13.85 -1.04 -20.45
CA TRP A 248 14.53 0.17 -19.97
C TRP A 248 15.66 0.53 -20.92
N LEU A 249 15.54 1.68 -21.58
CA LEU A 249 16.49 2.14 -22.58
C LEU A 249 17.19 3.44 -22.16
N GLU A 250 18.52 3.43 -22.22
CA GLU A 250 19.33 4.60 -21.94
C GLU A 250 20.20 4.90 -23.15
N SER A 251 20.11 6.12 -23.67
CA SER A 251 20.92 6.56 -24.82
C SER A 251 21.93 7.63 -24.37
N ASP A 252 23.20 7.26 -24.28
CA ASP A 252 24.27 8.15 -23.79
C ASP A 252 24.77 9.04 -24.93
N ALA A 253 24.26 10.28 -24.97
CA ALA A 253 24.56 11.22 -26.04
C ALA A 253 25.16 12.52 -25.49
N ASN A 254 26.43 12.79 -25.83
CA ASN A 254 27.24 13.86 -25.23
C ASN A 254 27.65 13.44 -23.81
N GLY A 255 27.54 14.35 -22.84
CA GLY A 255 27.59 13.96 -21.43
C GLY A 255 26.26 13.37 -21.00
N GLN A 256 25.16 13.98 -21.47
CA GLN A 256 23.81 13.62 -21.01
C GLN A 256 23.24 12.33 -21.62
N THR A 257 22.41 11.66 -20.83
CA THR A 257 21.84 10.38 -21.24
C THR A 257 20.32 10.52 -21.28
N ILE A 258 19.71 10.10 -22.39
CA ILE A 258 18.25 10.11 -22.51
C ILE A 258 17.68 8.77 -22.03
N GLU A 259 16.76 8.85 -21.07
CA GLU A 259 16.08 7.68 -20.51
C GLU A 259 14.67 7.50 -21.08
N THR A 260 14.40 6.34 -21.67
CA THR A 260 13.05 5.98 -22.08
C THR A 260 12.65 4.62 -21.54
N ILE A 261 11.34 4.36 -21.51
CA ILE A 261 10.82 3.06 -21.14
C ILE A 261 9.80 2.59 -22.17
N LEU A 262 10.13 1.52 -22.87
CA LEU A 262 9.28 0.93 -23.90
C LEU A 262 8.55 -0.30 -23.34
N ILE A 263 7.26 -0.38 -23.63
CA ILE A 263 6.46 -1.56 -23.31
C ILE A 263 6.22 -2.31 -24.59
N ASN A 264 6.44 -3.62 -24.55
CA ASN A 264 6.03 -4.51 -25.63
C ASN A 264 5.19 -5.57 -24.97
N CYS A 265 3.90 -5.65 -25.32
CA CYS A 265 3.04 -6.69 -24.74
C CYS A 265 1.97 -7.17 -25.71
N HIS A 266 1.39 -8.32 -25.39
CA HIS A 266 0.42 -8.94 -26.26
C HIS A 266 -0.62 -9.71 -25.49
N TYR A 267 -1.72 -10.03 -26.15
CA TYR A 267 -2.68 -10.97 -25.62
C TYR A 267 -3.36 -11.69 -26.77
N PRO A 268 -3.70 -12.97 -26.58
CA PRO A 268 -4.31 -13.71 -27.66
C PRO A 268 -5.78 -13.38 -27.81
N VAL A 269 -6.23 -13.27 -29.06
CA VAL A 269 -7.64 -13.12 -29.39
C VAL A 269 -8.22 -14.52 -29.60
N SER A 270 -7.58 -15.28 -30.47
CA SER A 270 -7.89 -16.70 -30.68
C SER A 270 -6.59 -17.47 -30.77
N ASN A 271 -6.66 -18.77 -31.05
CA ASN A 271 -5.47 -19.59 -31.32
C ASN A 271 -4.64 -19.10 -32.51
N ASN A 272 -5.27 -18.32 -33.39
CA ASN A 272 -4.67 -17.89 -34.65
C ASN A 272 -4.53 -16.36 -34.81
N GLU A 273 -4.84 -15.61 -33.76
CA GLU A 273 -4.79 -14.15 -33.82
C GLU A 273 -4.45 -13.58 -32.45
N PHE A 274 -3.72 -12.47 -32.42
CA PHE A 274 -3.43 -11.78 -31.18
C PHE A 274 -3.28 -10.27 -31.36
N VAL A 275 -3.44 -9.56 -30.26
CA VAL A 275 -3.24 -8.13 -30.24
C VAL A 275 -1.86 -7.85 -29.70
N LEU A 276 -1.14 -6.98 -30.41
CA LEU A 276 0.20 -6.56 -30.02
C LEU A 276 0.12 -5.08 -29.69
N GLN A 277 0.64 -4.72 -28.53
CA GLN A 277 0.62 -3.34 -28.07
C GLN A 277 2.03 -2.87 -27.72
N TYR A 278 2.29 -1.59 -27.98
CA TYR A 278 3.55 -1.00 -27.62
C TYR A 278 3.39 0.46 -27.27
N GLY A 279 4.11 0.88 -26.23
CA GLY A 279 4.06 2.24 -25.77
C GLY A 279 5.38 2.72 -25.20
N ALA A 280 5.54 4.04 -25.16
CA ALA A 280 6.77 4.63 -24.67
C ALA A 280 6.51 5.80 -23.72
N ILE A 281 7.37 5.92 -22.72
CA ILE A 281 7.49 7.13 -21.94
C ILE A 281 8.95 7.58 -21.92
N VAL A 282 9.13 8.90 -21.90
CA VAL A 282 10.46 9.50 -21.92
C VAL A 282 10.60 10.38 -20.70
N LYS A 283 11.81 10.43 -20.14
CA LYS A 283 12.10 11.31 -19.01
C LYS A 283 12.42 12.71 -19.56
N LYS A 284 11.76 13.72 -18.99
CA LYS A 284 11.93 15.10 -19.45
C LYS A 284 13.31 15.61 -19.05
N LEU A 285 13.96 16.31 -19.97
CA LEU A 285 15.25 16.92 -19.68
C LEU A 285 15.01 18.20 -18.86
N PRO A 286 15.75 18.35 -17.73
CA PRO A 286 15.55 19.48 -16.82
C PRO A 286 16.25 20.75 -17.27
N GLY A 287 16.07 21.83 -16.51
CA GLY A 287 16.68 23.13 -16.84
C GLY A 287 16.26 23.69 -18.19
N VAL A 288 15.04 23.38 -18.60
CA VAL A 288 14.46 23.83 -19.88
C VAL A 288 12.96 24.01 -19.65
N SER A 289 12.31 24.83 -20.47
CA SER A 289 10.87 25.05 -20.33
C SER A 289 10.08 23.77 -20.63
N ASP A 290 8.81 23.78 -20.25
CA ASP A 290 7.91 22.63 -20.45
C ASP A 290 7.59 22.43 -21.93
N GLU A 291 7.33 23.54 -22.61
CA GLU A 291 7.07 23.53 -24.06
C GLU A 291 8.17 22.80 -24.82
N ILE A 292 9.43 23.10 -24.49
CA ILE A 292 10.57 22.52 -25.19
C ILE A 292 10.89 21.11 -24.66
N ALA A 293 10.81 20.91 -23.35
CA ALA A 293 11.10 19.61 -22.73
C ALA A 293 10.10 18.54 -23.17
N ALA A 294 8.81 18.89 -23.17
CA ALA A 294 7.75 17.98 -23.60
C ALA A 294 7.78 17.75 -25.11
N GLY A 295 8.26 18.73 -25.87
CA GLY A 295 8.34 18.63 -27.32
C GLY A 295 9.47 17.73 -27.78
N MET A 296 10.59 17.76 -27.07
CA MET A 296 11.73 16.92 -27.39
C MET A 296 11.54 15.48 -26.92
N ALA A 297 10.87 15.30 -25.78
CA ALA A 297 10.52 13.97 -25.30
C ALA A 297 9.66 13.25 -26.32
N GLU A 298 8.59 13.90 -26.75
CA GLU A 298 7.74 13.41 -27.84
C GLU A 298 8.58 13.06 -29.08
N GLN A 299 9.51 13.95 -29.43
CA GLN A 299 10.42 13.69 -30.55
C GLN A 299 11.16 12.35 -30.40
N PHE A 300 11.69 12.09 -29.21
CA PHE A 300 12.43 10.85 -28.97
C PHE A 300 11.46 9.66 -28.91
N ALA A 301 10.31 9.86 -28.26
CA ALA A 301 9.26 8.84 -28.18
C ALA A 301 8.86 8.27 -29.54
N GLU A 302 8.76 9.12 -30.56
CA GLU A 302 8.48 8.68 -31.93
C GLU A 302 9.59 7.80 -32.48
N GLY A 303 10.84 8.13 -32.15
CA GLY A 303 11.98 7.34 -32.59
C GLY A 303 11.92 5.92 -32.06
N VAL A 304 11.44 5.79 -30.83
CA VAL A 304 11.29 4.49 -30.17
C VAL A 304 10.21 3.68 -30.86
N GLN A 305 9.06 4.32 -31.11
CA GLN A 305 7.98 3.69 -31.87
C GLN A 305 8.42 3.19 -33.24
N LEU A 306 9.21 4.00 -33.94
CA LEU A 306 9.67 3.61 -35.26
C LEU A 306 10.57 2.37 -35.18
N GLY A 307 11.39 2.29 -34.15
CA GLY A 307 12.23 1.11 -33.94
C GLY A 307 11.40 -0.14 -33.75
N PHE A 308 10.40 -0.04 -32.88
CA PHE A 308 9.48 -1.14 -32.66
C PHE A 308 8.77 -1.55 -33.93
N GLU A 309 8.41 -0.58 -34.76
CA GLU A 309 7.70 -0.86 -36.01
C GLU A 309 8.56 -1.58 -37.03
N GLN A 310 9.87 -1.62 -36.81
CA GLN A 310 10.73 -2.41 -37.66
C GLN A 310 10.54 -3.89 -37.35
N ASP A 311 10.31 -4.22 -36.08
CA ASP A 311 10.04 -5.61 -35.72
C ASP A 311 8.69 -6.04 -36.26
N VAL A 312 7.72 -5.14 -36.15
CA VAL A 312 6.37 -5.40 -36.61
C VAL A 312 6.32 -5.81 -38.07
N GLU A 313 7.13 -5.17 -38.91
CA GLU A 313 7.21 -5.53 -40.32
C GLU A 313 7.69 -6.96 -40.56
N ILE A 314 8.52 -7.46 -39.68
CA ILE A 314 8.97 -8.85 -39.73
C ILE A 314 7.88 -9.76 -39.17
N TRP A 315 7.34 -9.38 -38.02
CA TRP A 315 6.35 -10.20 -37.33
C TRP A 315 5.07 -10.40 -38.13
N LYS A 316 4.67 -9.39 -38.89
CA LYS A 316 3.54 -9.52 -39.82
C LYS A 316 3.82 -10.39 -41.03
N ASN A 317 5.07 -10.76 -41.26
CA ASN A 317 5.48 -11.41 -42.52
C ASN A 317 6.38 -12.61 -42.28
N LYS A 318 6.02 -13.48 -41.36
CA LYS A 318 6.89 -14.60 -41.07
C LYS A 318 6.16 -15.82 -40.59
N ALA A 319 6.69 -16.97 -40.99
CA ALA A 319 6.05 -18.23 -40.68
C ALA A 319 6.55 -18.69 -39.33
N PRO A 320 5.71 -19.44 -38.61
CA PRO A 320 6.20 -20.07 -37.39
C PRO A 320 7.18 -21.18 -37.72
N ILE A 321 8.17 -21.39 -36.86
CA ILE A 321 9.12 -22.51 -37.01
C ILE A 321 9.22 -23.23 -35.66
N ASP A 322 8.78 -24.48 -35.63
CA ASP A 322 8.85 -25.28 -34.42
C ASP A 322 10.26 -25.83 -34.25
N ASN A 323 10.94 -26.05 -35.37
CA ASN A 323 12.27 -26.65 -35.37
C ASN A 323 13.25 -25.75 -36.09
N PRO A 324 13.56 -24.59 -35.48
CA PRO A 324 14.45 -23.66 -36.12
C PRO A 324 15.84 -24.22 -36.28
N LEU A 325 16.43 -23.88 -37.41
CA LEU A 325 17.80 -24.21 -37.72
C LEU A 325 18.66 -23.10 -37.13
N LEU A 326 19.61 -23.46 -36.29
CA LEU A 326 20.35 -22.48 -35.50
C LEU A 326 21.81 -22.42 -35.86
N SER A 327 22.35 -21.20 -35.87
CA SER A 327 23.78 -21.01 -36.09
C SER A 327 24.49 -20.92 -34.75
N GLU A 328 25.81 -20.92 -34.80
CA GLU A 328 26.61 -20.73 -33.60
C GLU A 328 26.44 -19.34 -33.01
N GLU A 329 25.89 -18.39 -33.75
CA GLU A 329 25.66 -17.05 -33.22
C GLU A 329 24.21 -16.77 -32.80
N ASP A 330 23.38 -17.82 -32.76
CA ASP A 330 22.00 -17.66 -32.29
C ASP A 330 21.97 -17.60 -30.78
N GLY A 331 20.99 -16.89 -30.24
CA GLY A 331 20.76 -16.93 -28.80
C GLY A 331 20.13 -18.25 -28.40
N PRO A 332 19.93 -18.45 -27.09
CA PRO A 332 19.47 -19.73 -26.57
C PRO A 332 17.96 -19.94 -26.80
N VAL A 333 17.62 -20.25 -28.05
CA VAL A 333 16.23 -20.36 -28.45
C VAL A 333 15.51 -21.50 -27.71
N TYR A 334 16.13 -22.67 -27.69
CA TYR A 334 15.46 -23.81 -27.09
C TYR A 334 15.23 -23.63 -25.59
N GLN A 335 16.16 -22.98 -24.91
CA GLN A 335 16.01 -22.73 -23.48
C GLN A 335 14.94 -21.65 -23.23
N LEU A 336 14.88 -20.66 -24.12
CA LEU A 336 13.84 -19.65 -24.05
C LEU A 336 12.49 -20.30 -24.18
N ARG A 337 12.35 -21.21 -25.14
CA ARG A 337 11.06 -21.84 -25.37
C ARG A 337 10.72 -22.81 -24.24
N ARG A 338 11.72 -23.47 -23.70
CA ARG A 338 11.56 -24.26 -22.51
C ARG A 338 11.03 -23.38 -21.34
N TRP A 339 11.66 -22.24 -21.11
CA TRP A 339 11.17 -21.33 -20.07
C TRP A 339 9.70 -20.95 -20.33
N TYR A 340 9.39 -20.63 -21.58
CA TYR A 340 8.07 -20.15 -21.96
C TYR A 340 7.01 -21.23 -21.76
N GLN A 341 7.40 -22.47 -21.99
CA GLN A 341 6.53 -23.64 -21.85
C GLN A 341 5.87 -23.75 -20.47
N GLN A 342 6.49 -23.18 -19.44
CA GLN A 342 5.94 -23.23 -18.10
C GLN A 342 4.54 -22.65 -18.03
N PHE A 343 4.26 -21.69 -18.90
CA PHE A 343 3.01 -20.96 -18.88
C PHE A 343 1.87 -21.68 -19.59
N TYR A 344 2.19 -22.83 -20.21
CA TYR A 344 1.26 -23.65 -20.94
C TYR A 344 1.15 -25.07 -20.36
N VAL A 345 1.69 -25.30 -19.17
CA VAL A 345 1.43 -26.55 -18.45
C VAL A 345 0.86 -26.19 -17.09
N ASP A 346 0.31 -27.18 -16.40
CA ASP A 346 -0.29 -26.93 -15.07
C ASP A 346 0.85 -26.66 -14.11
N VAL A 347 0.60 -25.83 -13.10
CA VAL A 347 1.67 -25.42 -12.22
C VAL A 347 2.35 -26.60 -11.52
N GLU A 348 1.58 -27.65 -11.27
CA GLU A 348 2.12 -28.86 -10.65
C GLU A 348 3.13 -29.57 -11.57
N ASP A 349 3.04 -29.33 -12.87
CA ASP A 349 3.90 -30.03 -13.82
C ASP A 349 5.09 -29.19 -14.26
N ILE A 350 5.24 -27.97 -13.75
CA ILE A 350 6.39 -27.15 -14.10
C ILE A 350 7.65 -27.81 -13.53
N THR A 351 8.66 -27.95 -14.37
CA THR A 351 9.92 -28.61 -13.99
C THR A 351 11.01 -27.62 -13.60
N GLU A 352 12.02 -28.11 -12.90
CA GLU A 352 13.16 -27.29 -12.52
C GLU A 352 13.84 -26.62 -13.73
N ASP A 353 14.04 -27.37 -14.81
CA ASP A 353 14.76 -26.82 -15.96
C ASP A 353 14.02 -25.66 -16.62
N MET A 354 12.71 -25.54 -16.38
CA MET A 354 11.98 -24.39 -16.89
C MET A 354 12.25 -23.10 -16.11
N THR A 355 12.44 -23.21 -14.81
CA THR A 355 12.46 -22.04 -13.91
C THR A 355 13.81 -21.74 -13.28
N LYS A 356 14.74 -22.69 -13.35
CA LYS A 356 16.05 -22.51 -12.75
C LYS A 356 16.79 -21.40 -13.47
N ARG A 357 17.56 -20.61 -12.75
CA ARG A 357 18.31 -19.54 -13.37
C ARG A 357 19.17 -20.08 -14.48
N PHE A 358 19.05 -19.48 -15.66
CA PHE A 358 19.87 -19.82 -16.82
C PHE A 358 20.40 -18.54 -17.41
N GLU A 359 21.71 -18.46 -17.66
CA GLU A 359 22.23 -17.29 -18.35
C GLU A 359 23.15 -17.68 -19.49
N PHE A 360 23.23 -16.80 -20.48
CA PHE A 360 23.96 -17.08 -21.69
C PHE A 360 24.38 -15.75 -22.29
N GLU A 361 25.68 -15.59 -22.55
CA GLU A 361 26.16 -14.39 -23.18
C GLU A 361 26.66 -14.77 -24.54
N ILE A 362 26.28 -14.00 -25.56
CA ILE A 362 26.89 -14.19 -26.86
C ILE A 362 28.07 -13.25 -26.97
N ASP A 363 29.20 -13.79 -27.40
CA ASP A 363 30.34 -12.97 -27.73
C ASP A 363 30.04 -12.43 -29.13
N THR A 364 29.77 -11.14 -29.27
CA THR A 364 29.37 -10.62 -30.57
C THR A 364 30.53 -10.26 -31.51
N THR A 365 31.76 -10.58 -31.10
CA THR A 365 32.97 -10.17 -31.80
C THR A 365 32.93 -10.57 -33.27
N ARG A 366 32.73 -11.86 -33.55
CA ARG A 366 32.71 -12.35 -34.93
C ARG A 366 31.64 -11.66 -35.79
N ALA A 367 30.46 -11.48 -35.22
CA ALA A 367 29.37 -10.90 -35.96
C ALA A 367 29.67 -9.45 -36.25
N VAL A 368 30.07 -8.71 -35.22
CA VAL A 368 30.39 -7.30 -35.37
C VAL A 368 31.53 -7.12 -36.38
N ALA A 369 32.49 -8.03 -36.38
CA ALA A 369 33.58 -7.99 -37.35
C ALA A 369 33.04 -8.15 -38.77
N SER A 370 32.20 -9.15 -38.97
CA SER A 370 31.52 -9.34 -40.25
C SER A 370 30.71 -8.11 -40.62
N TRP A 371 29.99 -7.56 -39.65
CA TRP A 371 29.10 -6.44 -39.92
C TRP A 371 29.84 -5.16 -40.22
N GLN A 372 30.89 -4.89 -39.45
CA GLN A 372 31.71 -3.69 -39.67
C GLN A 372 32.43 -3.73 -41.01
N LYS A 373 32.85 -4.91 -41.43
CA LYS A 373 33.39 -5.09 -42.78
C LYS A 373 32.37 -4.70 -43.83
N GLU A 374 31.20 -5.33 -43.75
CA GLU A 374 30.13 -5.12 -44.72
C GLU A 374 29.76 -3.65 -44.78
N VAL A 375 29.62 -3.01 -43.61
CA VAL A 375 29.27 -1.59 -43.56
C VAL A 375 30.36 -0.71 -44.17
N ALA A 376 31.63 -1.08 -43.97
CA ALA A 376 32.74 -0.35 -44.58
C ALA A 376 32.66 -0.48 -46.08
N GLU A 377 32.47 -1.70 -46.57
CA GLU A 377 32.26 -1.93 -47.99
C GLU A 377 31.12 -1.06 -48.55
N ASN A 378 30.03 -0.90 -47.81
CA ASN A 378 28.96 -0.03 -48.28
C ASN A 378 29.44 1.41 -48.37
N LEU A 379 30.08 1.89 -47.31
CA LEU A 379 30.52 3.28 -47.21
C LEU A 379 31.51 3.64 -48.33
N ALA A 380 32.34 2.69 -48.70
CA ALA A 380 33.26 2.83 -49.81
C ALA A 380 32.51 3.01 -51.12
N LYS A 381 31.45 2.24 -51.33
CA LYS A 381 30.60 2.38 -52.51
C LYS A 381 29.80 3.68 -52.51
N GLN A 382 29.36 4.12 -51.33
CA GLN A 382 28.60 5.38 -51.22
C GLN A 382 29.34 6.59 -51.80
N ALA A 383 30.63 6.71 -51.52
CA ALA A 383 31.44 7.82 -52.03
C ALA A 383 31.89 7.52 -53.46
N GLU A 384 32.47 6.35 -53.67
CA GLU A 384 33.10 5.97 -54.95
C GLU A 384 33.15 4.45 -55.08
N PRO B 20 9.27 28.12 26.33
CA PRO B 20 8.18 27.30 26.89
C PRO B 20 8.63 25.86 27.22
N ALA B 21 7.66 24.94 27.31
CA ALA B 21 7.91 23.50 27.43
C ALA B 21 7.68 22.86 26.06
N ARG B 22 8.44 21.84 25.73
CA ARG B 22 8.32 21.18 24.42
C ARG B 22 7.46 19.94 24.48
N PHE B 23 6.52 19.81 23.56
CA PHE B 23 5.66 18.64 23.52
C PHE B 23 6.00 17.72 22.33
N ALA B 24 5.57 16.47 22.45
CA ALA B 24 5.95 15.39 21.52
C ALA B 24 5.43 15.64 20.09
N ARG B 25 6.31 15.46 19.10
CA ARG B 25 5.88 15.46 17.70
C ARG B 25 5.20 14.14 17.35
N GLY B 26 3.98 14.22 16.83
CA GLY B 26 3.30 13.02 16.33
C GLY B 26 1.81 13.11 16.41
N TRP B 27 1.14 12.03 16.04
CA TRP B 27 -0.31 11.97 16.10
C TRP B 27 -0.77 11.83 17.53
N HIS B 28 -1.85 12.52 17.86
CA HIS B 28 -2.48 12.38 19.16
C HIS B 28 -3.96 12.24 18.95
N CYS B 29 -4.55 11.25 19.59
CA CYS B 29 -5.97 11.02 19.44
C CYS B 29 -6.67 11.99 20.39
N LEU B 30 -7.81 12.53 19.96
CA LEU B 30 -8.59 13.43 20.78
C LEU B 30 -9.92 12.81 21.21
N GLY B 31 -10.18 11.58 20.78
CA GLY B 31 -11.40 10.88 21.19
C GLY B 31 -12.21 10.41 20.00
N LEU B 32 -13.48 10.14 20.22
CA LEU B 32 -14.36 9.61 19.20
C LEU B 32 -14.78 10.69 18.22
N ALA B 33 -14.50 10.48 16.94
CA ALA B 33 -14.86 11.44 15.89
C ALA B 33 -16.35 11.80 15.87
N LYS B 34 -17.22 10.86 16.20
CA LYS B 34 -18.66 11.14 16.19
C LYS B 34 -19.06 12.28 17.14
N ASP B 35 -18.34 12.39 18.26
CA ASP B 35 -18.62 13.43 19.27
C ASP B 35 -18.33 14.86 18.79
N PHE B 36 -17.50 14.99 17.74
CA PHE B 36 -17.15 16.28 17.16
C PHE B 36 -17.95 16.63 15.90
N LYS B 37 -18.88 15.76 15.50
CA LYS B 37 -19.65 15.94 14.27
C LYS B 37 -21.12 16.15 14.59
N ASP B 38 -21.38 17.12 15.48
CA ASP B 38 -22.74 17.49 15.82
C ASP B 38 -23.03 18.91 15.32
N GLY B 39 -22.24 19.41 14.37
CA GLY B 39 -22.40 20.76 13.84
C GLY B 39 -22.22 21.89 14.84
N LYS B 40 -21.54 21.61 15.94
CA LYS B 40 -21.20 22.63 16.93
C LYS B 40 -19.69 22.62 17.08
N PRO B 41 -19.14 23.72 17.59
CA PRO B 41 -17.70 23.74 17.85
C PRO B 41 -17.39 23.05 19.16
N HIS B 42 -16.13 22.67 19.32
CA HIS B 42 -15.62 21.98 20.51
C HIS B 42 -14.23 22.49 20.83
N SER B 43 -13.90 22.54 22.11
CA SER B 43 -12.52 22.85 22.50
C SER B 43 -11.82 21.68 23.15
N VAL B 44 -10.51 21.65 22.96
CA VAL B 44 -9.64 20.84 23.78
C VAL B 44 -8.48 21.71 24.21
N HIS B 45 -8.09 21.56 25.47
CA HIS B 45 -6.85 22.15 25.94
C HIS B 45 -5.74 21.12 25.70
N ALA B 46 -4.79 21.46 24.83
CA ALA B 46 -3.70 20.55 24.49
C ALA B 46 -2.47 21.30 24.07
N PHE B 47 -1.31 20.68 24.27
CA PHE B 47 -0.02 21.27 23.90
C PHE B 47 0.17 22.66 24.49
N GLY B 48 -0.32 22.85 25.72
CA GLY B 48 -0.15 24.10 26.43
C GLY B 48 -0.92 25.25 25.82
N THR B 49 -2.01 24.94 25.12
CA THR B 49 -2.83 25.95 24.46
C THR B 49 -4.28 25.48 24.36
N LYS B 50 -5.09 26.25 23.64
CA LYS B 50 -6.47 25.87 23.43
C LYS B 50 -6.72 25.78 21.94
N LEU B 51 -7.56 24.82 21.55
CA LEU B 51 -7.84 24.52 20.15
C LEU B 51 -9.32 24.46 19.92
N VAL B 52 -9.73 24.81 18.71
CA VAL B 52 -11.14 24.66 18.32
C VAL B 52 -11.25 23.54 17.31
N VAL B 53 -12.29 22.73 17.49
CA VAL B 53 -12.51 21.55 16.70
C VAL B 53 -13.94 21.60 16.21
N TRP B 54 -14.11 21.49 14.89
CA TRP B 54 -15.45 21.49 14.29
C TRP B 54 -15.53 20.70 12.99
N ALA B 55 -16.75 20.26 12.67
CA ALA B 55 -17.03 19.53 11.43
C ALA B 55 -17.53 20.48 10.35
N ASP B 56 -16.84 20.55 9.21
CA ASP B 56 -17.33 21.36 8.08
C ASP B 56 -18.60 20.73 7.44
N SER B 57 -19.07 21.32 6.35
CA SER B 57 -20.33 20.87 5.70
C SER B 57 -20.25 19.47 5.07
N ASN B 58 -19.03 18.96 4.83
CA ASN B 58 -18.81 17.57 4.42
C ASN B 58 -18.48 16.62 5.59
N ASP B 59 -18.80 17.02 6.82
CA ASP B 59 -18.43 16.27 8.04
C ASP B 59 -16.92 16.00 8.19
N GLU B 60 -16.08 16.83 7.59
CA GLU B 60 -14.63 16.73 7.75
C GLU B 60 -14.17 17.58 8.94
N ILE B 61 -13.46 16.95 9.87
CA ILE B 61 -13.04 17.62 11.11
C ILE B 61 -11.88 18.57 10.85
N ARG B 62 -12.04 19.82 11.27
CA ARG B 62 -11.00 20.84 11.16
C ARG B 62 -10.61 21.31 12.55
N ILE B 63 -9.38 21.82 12.65
CA ILE B 63 -8.80 22.22 13.93
C ILE B 63 -7.92 23.45 13.78
N LEU B 64 -8.19 24.45 14.60
CA LEU B 64 -7.33 25.65 14.69
C LEU B 64 -7.06 25.99 16.15
N ASP B 65 -6.06 26.85 16.36
CA ASP B 65 -5.97 27.57 17.62
C ASP B 65 -7.33 28.19 17.89
N ALA B 66 -7.84 28.01 19.11
CA ALA B 66 -9.20 28.47 19.45
C ALA B 66 -9.36 30.00 19.56
N TYR B 67 -8.27 30.72 19.79
CA TYR B 67 -8.36 32.15 20.01
C TYR B 67 -8.15 32.90 18.70
N CYS B 68 -9.15 33.72 18.36
CA CYS B 68 -9.20 34.49 17.12
C CYS B 68 -8.06 35.50 17.04
N ARG B 69 -7.41 35.56 15.89
CA ARG B 69 -6.24 36.42 15.72
C ARG B 69 -6.60 37.89 15.53
N HIS B 70 -7.90 38.17 15.51
CA HIS B 70 -8.37 39.54 15.48
C HIS B 70 -8.17 40.23 16.84
N MET B 71 -9.06 40.00 17.79
CA MET B 71 -8.93 40.59 19.12
C MET B 71 -9.02 39.54 20.24
N GLY B 72 -8.85 38.26 19.93
CA GLY B 72 -8.74 37.21 20.95
C GLY B 72 -10.01 36.49 21.34
N GLY B 73 -11.07 36.63 20.55
CA GLY B 73 -12.31 35.91 20.84
C GLY B 73 -12.11 34.39 20.84
N ASP B 74 -13.03 33.70 21.49
CA ASP B 74 -12.94 32.27 21.59
C ASP B 74 -13.78 31.59 20.50
N LEU B 75 -13.08 31.20 19.43
CA LEU B 75 -13.72 30.50 18.32
C LEU B 75 -14.50 29.29 18.77
N SER B 76 -14.04 28.63 19.83
CA SER B 76 -14.71 27.42 20.32
C SER B 76 -16.06 27.73 20.94
N GLN B 77 -16.34 29.00 21.22
CA GLN B 77 -17.65 29.41 21.71
C GLN B 77 -18.46 30.05 20.58
N GLY B 78 -17.98 29.89 19.35
CA GLY B 78 -18.62 30.48 18.19
C GLY B 78 -19.69 29.60 17.58
N THR B 79 -19.80 29.70 16.25
CA THR B 79 -20.81 29.00 15.48
C THR B 79 -20.21 28.46 14.20
N VAL B 80 -20.56 27.23 13.85
CA VAL B 80 -20.20 26.67 12.56
C VAL B 80 -21.15 27.28 11.54
N LYS B 81 -20.56 27.89 10.50
CA LYS B 81 -21.33 28.48 9.43
C LYS B 81 -20.77 27.99 8.11
N GLY B 82 -21.48 27.04 7.52
CA GLY B 82 -21.00 26.39 6.31
C GLY B 82 -19.81 25.54 6.65
N ASP B 83 -18.67 25.91 6.06
CA ASP B 83 -17.40 25.21 6.26
C ASP B 83 -16.50 25.90 7.29
N GLU B 84 -16.85 27.12 7.69
CA GLU B 84 -15.98 27.91 8.56
C GLU B 84 -16.49 27.93 9.98
N ILE B 85 -15.56 28.18 10.90
CA ILE B 85 -15.91 28.53 12.27
C ILE B 85 -16.04 30.06 12.34
N ALA B 86 -17.15 30.50 12.92
CA ALA B 86 -17.47 31.92 13.03
C ALA B 86 -17.19 32.41 14.45
N CYS B 87 -16.23 33.33 14.59
CA CYS B 87 -15.94 33.92 15.91
C CYS B 87 -17.18 34.51 16.56
N PRO B 88 -17.34 34.31 17.87
CA PRO B 88 -18.54 34.86 18.51
C PRO B 88 -18.45 36.36 18.75
N PHE B 89 -17.28 36.96 18.56
CA PHE B 89 -17.07 38.37 18.92
C PHE B 89 -17.49 39.29 17.75
N HIS B 90 -16.81 39.18 16.61
CA HIS B 90 -17.17 39.95 15.41
C HIS B 90 -17.46 39.08 14.18
N ASP B 91 -17.67 37.78 14.39
CA ASP B 91 -18.24 36.91 13.36
C ASP B 91 -17.35 36.63 12.16
N TRP B 92 -16.05 36.84 12.30
CA TRP B 92 -15.13 36.47 11.22
C TRP B 92 -15.19 34.96 10.97
N ARG B 93 -14.97 34.60 9.71
CA ARG B 93 -15.12 33.22 9.23
C ARG B 93 -13.75 32.65 8.96
N TRP B 94 -13.41 31.60 9.71
CA TRP B 94 -12.08 30.99 9.60
C TRP B 94 -12.22 29.60 9.05
N GLY B 95 -11.37 29.30 8.07
CA GLY B 95 -11.40 28.00 7.42
C GLY B 95 -10.45 27.01 8.09
N GLY B 96 -10.73 25.72 7.87
CA GLY B 96 -9.87 24.63 8.33
C GLY B 96 -8.40 24.78 7.97
N ASN B 97 -8.09 25.54 6.93
CA ASN B 97 -6.70 25.78 6.55
C ASN B 97 -6.06 26.94 7.30
N GLY B 98 -6.82 27.60 8.16
CA GLY B 98 -6.30 28.71 8.94
C GLY B 98 -6.49 30.09 8.33
N ARG B 99 -6.90 30.15 7.06
CA ARG B 99 -7.14 31.46 6.43
C ARG B 99 -8.53 31.95 6.82
N CYS B 100 -8.61 33.25 7.12
CA CYS B 100 -9.91 33.90 7.30
C CYS B 100 -10.51 34.02 5.91
N LYS B 101 -11.69 33.46 5.74
CA LYS B 101 -12.34 33.41 4.43
C LYS B 101 -13.22 34.61 4.19
N ASN B 102 -13.87 35.10 5.24
CA ASN B 102 -14.80 36.20 5.13
C ASN B 102 -14.88 37.04 6.41
N ILE B 103 -14.86 38.37 6.24
CA ILE B 103 -15.25 39.28 7.31
C ILE B 103 -16.57 39.89 6.84
N PRO B 104 -17.71 39.43 7.39
CA PRO B 104 -19.02 39.77 6.84
C PRO B 104 -19.30 41.27 6.64
N TYR B 105 -18.60 42.14 7.37
CA TYR B 105 -18.88 43.57 7.36
C TYR B 105 -17.73 44.38 6.79
N ALA B 106 -16.75 43.71 6.19
CA ALA B 106 -15.67 44.41 5.49
C ALA B 106 -15.66 43.96 4.04
N ARG B 107 -15.09 44.79 3.20
CA ARG B 107 -15.08 44.51 1.78
C ARG B 107 -13.94 43.55 1.49
N ARG B 108 -12.83 43.72 2.19
CA ARG B 108 -11.65 42.89 1.98
C ARG B 108 -11.20 42.25 3.29
N VAL B 109 -10.88 40.96 3.19
CA VAL B 109 -10.10 40.29 4.22
C VAL B 109 -8.66 40.76 4.03
N PRO B 110 -7.98 41.20 5.11
CA PRO B 110 -6.57 41.60 4.92
C PRO B 110 -5.74 40.44 4.38
N PRO B 111 -4.68 40.74 3.63
CA PRO B 111 -3.74 39.65 3.35
C PRO B 111 -3.10 39.21 4.67
N ILE B 112 -2.28 38.17 4.62
CA ILE B 112 -1.71 37.54 5.83
C ILE B 112 -2.71 37.41 7.00
N ALA B 113 -3.95 37.07 6.68
CA ALA B 113 -4.96 36.79 7.70
C ALA B 113 -5.06 35.29 7.95
N LYS B 114 -4.02 34.73 8.59
CA LYS B 114 -3.94 33.30 8.86
C LYS B 114 -3.59 33.00 10.32
N THR B 115 -4.36 32.11 10.94
CA THR B 115 -4.03 31.57 12.26
C THR B 115 -3.38 30.20 12.06
N ARG B 116 -2.95 29.58 13.15
CA ARG B 116 -2.33 28.25 13.10
C ARG B 116 -3.38 27.16 12.90
N ALA B 117 -3.22 26.36 11.84
CA ALA B 117 -4.15 25.28 11.51
C ALA B 117 -3.47 23.91 11.69
N TRP B 118 -4.23 22.92 12.11
CA TRP B 118 -3.70 21.62 12.51
C TRP B 118 -4.25 20.51 11.61
N HIS B 119 -3.36 19.68 11.07
CA HIS B 119 -3.76 18.53 10.26
C HIS B 119 -4.49 17.49 11.10
N THR B 120 -5.50 16.89 10.51
CA THR B 120 -6.32 15.90 11.21
C THR B 120 -6.36 14.54 10.49
N LEU B 121 -6.99 13.56 11.14
CA LEU B 121 -7.13 12.21 10.63
C LEU B 121 -8.34 11.56 11.28
N ASP B 122 -9.22 10.99 10.46
CA ASP B 122 -10.49 10.45 10.94
C ASP B 122 -10.54 8.99 10.49
N GLN B 123 -10.20 8.07 11.40
CA GLN B 123 -10.10 6.63 11.11
C GLN B 123 -10.80 5.82 12.16
N ASP B 124 -11.51 4.78 11.72
CA ASP B 124 -11.99 3.76 12.64
C ASP B 124 -12.70 4.36 13.85
N GLY B 125 -13.43 5.45 13.59
CA GLY B 125 -14.21 6.13 14.63
C GLY B 125 -13.44 7.07 15.53
N LEU B 126 -12.18 7.36 15.19
CA LEU B 126 -11.29 8.12 16.08
C LEU B 126 -10.72 9.37 15.41
N LEU B 127 -10.73 10.48 16.15
CA LEU B 127 -10.12 11.73 15.66
C LEU B 127 -8.69 11.83 16.16
N PHE B 128 -7.76 12.10 15.25
CA PHE B 128 -6.35 12.35 15.58
C PHE B 128 -5.93 13.73 15.10
N VAL B 129 -4.97 14.32 15.80
CA VAL B 129 -4.39 15.59 15.38
C VAL B 129 -2.87 15.51 15.37
N TRP B 130 -2.27 16.13 14.37
CA TRP B 130 -0.82 16.18 14.25
C TRP B 130 -0.25 17.37 15.00
N HIS B 131 0.67 17.11 15.93
CA HIS B 131 1.41 18.17 16.59
C HIS B 131 2.88 18.10 16.19
N ASP B 132 3.46 19.26 15.83
CA ASP B 132 4.86 19.37 15.45
C ASP B 132 5.26 20.84 15.62
N PRO B 133 6.16 21.11 16.58
CA PRO B 133 6.68 22.46 16.83
C PRO B 133 7.36 23.08 15.62
N GLN B 134 8.04 22.28 14.81
CA GLN B 134 8.73 22.79 13.62
C GLN B 134 7.74 23.22 12.54
N GLY B 135 6.51 22.74 12.64
CA GLY B 135 5.45 23.16 11.75
C GLY B 135 5.39 22.43 10.44
N ASN B 136 6.10 21.32 10.31
CA ASN B 136 6.03 20.52 9.09
C ASN B 136 4.81 19.62 9.11
N PRO B 137 4.29 19.28 7.92
CA PRO B 137 3.13 18.38 7.86
C PRO B 137 3.52 16.94 8.25
N PRO B 138 2.52 16.07 8.44
CA PRO B 138 2.81 14.69 8.82
C PRO B 138 3.43 13.91 7.67
N PRO B 139 4.66 13.41 7.83
CA PRO B 139 5.26 12.58 6.79
C PRO B 139 4.37 11.41 6.38
N ALA B 140 4.52 10.98 5.14
CA ALA B 140 3.74 9.88 4.60
C ALA B 140 3.93 8.61 5.44
N ASP B 141 5.19 8.30 5.72
CA ASP B 141 5.53 7.08 6.49
C ASP B 141 5.13 7.10 7.97
N VAL B 142 4.59 8.21 8.49
CA VAL B 142 4.18 8.27 9.89
C VAL B 142 2.67 8.35 9.99
N THR B 143 2.05 7.26 10.40
CA THR B 143 0.60 7.17 10.37
C THR B 143 0.08 6.30 11.49
N ILE B 144 -1.23 6.04 11.46
CA ILE B 144 -1.89 5.27 12.49
C ILE B 144 -2.51 4.04 11.85
N PRO B 145 -2.03 2.84 12.24
CA PRO B 145 -2.53 1.56 11.73
C PRO B 145 -4.03 1.42 11.80
N ARG B 146 -4.59 0.73 10.82
CA ARG B 146 -6.02 0.50 10.78
C ARG B 146 -6.37 -0.51 11.85
N ILE B 147 -7.58 -0.44 12.35
CA ILE B 147 -8.07 -1.35 13.39
C ILE B 147 -9.26 -2.08 12.79
N ALA B 148 -8.98 -3.27 12.25
CA ALA B 148 -9.97 -4.05 11.52
C ALA B 148 -11.31 -4.12 12.23
N GLY B 149 -11.29 -4.48 13.51
CA GLY B 149 -12.53 -4.67 14.25
C GLY B 149 -13.39 -3.42 14.39
N ALA B 150 -12.78 -2.26 14.20
CA ALA B 150 -13.47 -0.98 14.36
C ALA B 150 -14.61 -0.84 13.37
N THR B 151 -14.34 -1.28 12.14
CA THR B 151 -15.29 -1.17 11.04
C THR B 151 -15.92 -2.53 10.67
N SER B 152 -16.32 -3.30 11.68
CA SER B 152 -16.90 -4.62 11.45
C SER B 152 -18.09 -4.86 12.37
N ASP B 153 -19.10 -5.53 11.84
CA ASP B 153 -20.33 -5.83 12.57
C ASP B 153 -20.17 -7.01 13.52
N GLU B 154 -19.07 -7.76 13.37
CA GLU B 154 -18.74 -8.86 14.30
C GLU B 154 -18.23 -8.34 15.65
N TRP B 155 -17.88 -7.05 15.71
CA TRP B 155 -17.39 -6.43 16.94
C TRP B 155 -18.39 -5.42 17.51
N THR B 156 -18.27 -5.18 18.80
CA THR B 156 -18.95 -4.07 19.44
C THR B 156 -18.36 -2.77 18.93
N ASP B 157 -19.05 -1.68 19.19
CA ASP B 157 -18.55 -0.36 18.87
C ASP B 157 -17.84 0.19 20.09
N TRP B 158 -16.94 1.13 19.85
CA TRP B 158 -16.12 1.72 20.90
C TRP B 158 -16.94 2.05 22.13
N VAL B 159 -16.50 1.55 23.29
CA VAL B 159 -16.86 2.11 24.57
C VAL B 159 -15.64 2.93 24.98
N TRP B 160 -15.83 4.22 25.27
CA TRP B 160 -14.70 5.16 25.45
C TRP B 160 -14.71 5.71 26.87
N TYR B 161 -13.52 6.03 27.38
CA TYR B 161 -13.37 6.53 28.74
C TYR B 161 -12.34 7.62 28.71
N THR B 162 -12.54 8.65 29.51
CA THR B 162 -11.63 9.79 29.48
C THR B 162 -11.46 10.41 30.85
N THR B 163 -10.25 10.81 31.17
CA THR B 163 -9.93 11.36 32.48
C THR B 163 -8.66 12.21 32.37
N GLU B 164 -8.36 12.95 33.41
CA GLU B 164 -7.15 13.79 33.43
C GLU B 164 -6.25 13.29 34.53
N VAL B 165 -4.96 13.49 34.35
CA VAL B 165 -3.97 13.00 35.29
C VAL B 165 -2.95 14.10 35.48
N ASP B 166 -2.72 14.49 36.73
CA ASP B 166 -1.97 15.68 37.04
C ASP B 166 -0.51 15.38 37.23
N THR B 167 0.10 14.86 36.17
CA THR B 167 1.55 14.70 36.11
C THR B 167 1.94 14.74 34.64
N ASN B 168 3.23 14.72 34.36
CA ASN B 168 3.72 14.65 32.98
C ASN B 168 3.50 13.27 32.32
N CYS B 169 3.19 13.28 31.02
CA CYS B 169 2.79 12.06 30.30
C CYS B 169 3.94 11.07 30.00
N ARG B 170 5.19 11.51 30.11
CA ARG B 170 6.33 10.58 30.02
C ARG B 170 6.24 9.47 31.06
N GLU B 171 5.57 9.76 32.18
CA GLU B 171 5.35 8.76 33.21
C GLU B 171 4.58 7.54 32.74
N ILE B 172 3.73 7.73 31.74
CA ILE B 172 2.90 6.66 31.16
C ILE B 172 3.76 5.69 30.36
N ILE B 173 4.71 6.22 29.61
CA ILE B 173 5.46 5.45 28.63
C ILE B 173 6.26 4.32 29.27
N ASP B 174 6.78 4.57 30.48
CA ASP B 174 7.64 3.61 31.17
C ASP B 174 7.00 2.23 31.40
N ASN B 175 5.68 2.16 31.47
CA ASN B 175 4.98 0.89 31.62
C ASN B 175 5.21 -0.11 30.47
N ILE B 176 5.55 0.39 29.29
CA ILE B 176 5.72 -0.49 28.14
C ILE B 176 6.78 -1.56 28.42
N VAL B 177 7.82 -1.23 29.20
CA VAL B 177 8.88 -2.18 29.54
C VAL B 177 8.78 -2.79 30.93
N ASP B 178 7.61 -2.71 31.57
CA ASP B 178 7.49 -3.11 32.98
C ASP B 178 6.88 -4.50 33.08
N MET B 179 7.75 -5.49 33.24
CA MET B 179 7.31 -6.87 33.29
C MET B 179 6.76 -7.18 34.68
N ALA B 180 7.51 -6.81 35.71
CA ALA B 180 7.17 -7.15 37.09
C ALA B 180 5.80 -6.69 37.56
N HIS B 181 5.34 -5.54 37.08
CA HIS B 181 4.08 -5.00 37.61
C HIS B 181 2.88 -5.84 37.21
N PHE B 182 3.02 -6.67 36.20
CA PHE B 182 1.92 -7.58 35.84
C PHE B 182 1.51 -8.46 36.98
N PHE B 183 2.49 -8.94 37.75
CA PHE B 183 2.19 -9.74 38.93
C PHE B 183 1.51 -8.89 40.02
N TYR B 184 2.12 -7.76 40.35
CA TYR B 184 1.66 -6.96 41.49
C TYR B 184 0.40 -6.14 41.23
N VAL B 185 0.33 -5.54 40.05
CA VAL B 185 -0.79 -4.65 39.68
C VAL B 185 -1.92 -5.40 38.97
N HIS B 186 -1.57 -6.35 38.10
CA HIS B 186 -2.59 -7.07 37.32
C HIS B 186 -2.79 -8.53 37.67
N TYR B 187 -2.10 -9.02 38.70
CA TYR B 187 -2.41 -10.33 39.28
C TYR B 187 -2.24 -11.46 38.27
N SER B 188 -1.10 -11.43 37.60
CA SER B 188 -0.87 -12.27 36.45
C SER B 188 0.63 -12.52 36.28
N PHE B 189 1.01 -13.78 36.07
CA PHE B 189 2.41 -14.13 35.82
C PHE B 189 2.76 -13.77 34.40
N PRO B 190 3.79 -12.95 34.18
CA PRO B 190 4.28 -12.70 32.82
C PRO B 190 5.20 -13.81 32.32
N VAL B 191 4.59 -14.89 31.84
CA VAL B 191 5.35 -16.05 31.34
C VAL B 191 6.07 -15.77 30.03
N TYR B 192 5.61 -14.76 29.29
CA TYR B 192 6.33 -14.26 28.12
C TYR B 192 6.39 -12.74 28.19
N PHE B 193 7.53 -12.16 27.81
CA PHE B 193 7.65 -10.71 27.80
C PHE B 193 8.78 -10.26 26.90
N LYS B 194 8.42 -9.47 25.90
CA LYS B 194 9.37 -8.94 24.90
C LYS B 194 9.09 -7.49 24.49
N ASN B 195 10.14 -6.71 24.35
CA ASN B 195 10.06 -5.37 23.83
C ASN B 195 10.80 -5.23 22.48
N VAL B 196 10.25 -4.39 21.60
CA VAL B 196 10.89 -4.02 20.34
C VAL B 196 10.65 -2.53 20.11
N PHE B 197 11.72 -1.80 19.91
CA PHE B 197 11.63 -0.39 19.58
C PHE B 197 12.32 -0.21 18.25
N GLU B 198 11.60 0.36 17.30
CA GLU B 198 12.18 0.68 15.99
C GLU B 198 11.41 1.82 15.35
N GLY B 199 12.15 2.72 14.70
CA GLY B 199 11.54 3.93 14.13
C GLY B 199 10.74 4.69 15.19
N HIS B 200 9.47 4.96 14.89
CA HIS B 200 8.60 5.66 15.83
C HIS B 200 7.64 4.70 16.51
N VAL B 201 8.01 3.42 16.56
CA VAL B 201 7.15 2.42 17.16
C VAL B 201 7.86 1.76 18.34
N ALA B 202 7.09 1.49 19.39
CA ALA B 202 7.58 0.76 20.55
C ALA B 202 6.53 -0.26 20.92
N SER B 203 6.95 -1.49 21.20
CA SER B 203 5.99 -2.58 21.40
C SER B 203 6.29 -3.40 22.65
N GLN B 204 5.23 -3.96 23.21
CA GLN B 204 5.33 -4.88 24.31
C GLN B 204 4.54 -6.09 23.89
N PHE B 205 5.22 -7.22 23.78
CA PHE B 205 4.57 -8.51 23.54
C PHE B 205 4.66 -9.30 24.83
N MET B 206 3.52 -9.74 25.31
CA MET B 206 3.40 -10.33 26.61
C MET B 206 2.35 -11.45 26.61
N ARG B 207 2.57 -12.47 27.44
CA ARG B 207 1.60 -13.53 27.69
C ARG B 207 1.54 -13.78 29.18
N GLY B 208 0.35 -13.96 29.73
CA GLY B 208 0.19 -14.10 31.17
C GLY B 208 -0.65 -15.28 31.59
N GLN B 209 -0.37 -15.79 32.80
CA GLN B 209 -1.21 -16.81 33.43
C GLN B 209 -1.79 -16.25 34.72
N ALA B 210 -3.10 -16.36 34.88
CA ALA B 210 -3.78 -15.89 36.09
C ALA B 210 -3.18 -16.49 37.36
N ARG B 211 -3.20 -15.72 38.44
CA ARG B 211 -2.73 -16.20 39.73
C ARG B 211 -3.82 -17.02 40.41
N GLU B 212 -3.43 -18.15 41.00
CA GLU B 212 -4.39 -19.04 41.65
C GLU B 212 -4.96 -18.44 42.95
N ASP B 213 -4.18 -17.63 43.66
CA ASP B 213 -4.65 -17.06 44.93
C ASP B 213 -5.68 -15.95 44.78
N THR B 214 -5.58 -15.12 43.74
CA THR B 214 -6.48 -13.99 43.56
C THR B 214 -7.64 -14.32 42.62
N ARG B 215 -8.68 -13.50 42.67
CA ARG B 215 -9.85 -13.61 41.79
C ARG B 215 -9.97 -12.40 40.86
N MET B 224 -10.80 -17.96 33.67
CA MET B 224 -9.81 -17.62 32.65
C MET B 224 -8.47 -18.22 32.99
N ILE B 225 -7.91 -18.97 32.05
CA ILE B 225 -6.62 -19.61 32.26
C ILE B 225 -5.50 -18.56 32.19
N GLY B 226 -5.51 -17.74 31.14
CA GLY B 226 -4.41 -16.84 30.85
C GLY B 226 -4.76 -15.71 29.90
N SER B 227 -3.78 -15.26 29.12
CA SER B 227 -3.91 -14.04 28.32
C SER B 227 -2.75 -13.79 27.36
N ARG B 228 -3.07 -13.11 26.28
CA ARG B 228 -2.07 -12.67 25.30
C ARG B 228 -2.26 -11.18 24.98
N SER B 229 -1.16 -10.43 24.88
CA SER B 229 -1.21 -8.99 24.58
C SER B 229 -0.11 -8.56 23.64
N ASP B 230 -0.49 -8.00 22.50
CA ASP B 230 0.47 -7.39 21.59
C ASP B 230 0.08 -5.91 21.48
N ALA B 231 0.93 -5.05 22.05
CA ALA B 231 0.62 -3.64 22.25
C ALA B 231 1.73 -2.81 21.69
N SER B 232 1.38 -1.84 20.85
CA SER B 232 2.39 -0.92 20.34
C SER B 232 1.96 0.54 20.44
N TYR B 233 2.92 1.39 20.82
CA TYR B 233 2.79 2.83 20.66
C TYR B 233 3.16 3.15 19.22
N PHE B 234 2.21 3.65 18.46
CA PHE B 234 2.48 4.12 17.10
C PHE B 234 2.62 5.63 17.10
N GLY B 235 3.86 6.09 17.25
CA GLY B 235 4.13 7.46 17.60
C GLY B 235 4.19 7.62 19.11
N PRO B 236 4.23 8.88 19.58
CA PRO B 236 4.52 9.13 20.99
C PRO B 236 3.38 8.91 21.96
N SER B 237 2.15 8.75 21.48
CA SER B 237 1.01 8.86 22.39
C SER B 237 -0.10 7.85 22.21
N PHE B 238 -0.15 7.20 21.05
CA PHE B 238 -1.28 6.35 20.72
C PHE B 238 -0.87 4.87 20.71
N MET B 239 -1.50 4.09 21.59
CA MET B 239 -1.21 2.67 21.69
C MET B 239 -2.41 1.82 21.36
N ILE B 240 -2.18 0.85 20.47
CA ILE B 240 -3.19 -0.15 20.14
C ILE B 240 -2.73 -1.44 20.81
N ASP B 241 -3.60 -2.03 21.61
CA ASP B 241 -3.27 -3.25 22.34
C ASP B 241 -4.25 -4.34 21.92
N ASP B 242 -3.73 -5.32 21.18
CA ASP B 242 -4.52 -6.48 20.76
C ASP B 242 -4.50 -7.51 21.88
N LEU B 243 -5.68 -7.78 22.44
CA LEU B 243 -5.83 -8.67 23.58
C LEU B 243 -6.59 -9.93 23.22
N VAL B 244 -6.10 -11.06 23.69
CA VAL B 244 -6.85 -12.29 23.64
C VAL B 244 -6.85 -12.90 25.03
N TYR B 245 -8.04 -13.16 25.57
CA TYR B 245 -8.13 -13.90 26.82
C TYR B 245 -8.37 -15.37 26.52
N GLU B 246 -7.50 -16.21 27.07
CA GLU B 246 -7.54 -17.64 26.82
C GLU B 246 -8.57 -18.30 27.73
N TYR B 247 -9.41 -19.15 27.14
CA TYR B 247 -10.31 -20.01 27.92
C TYR B 247 -10.30 -21.42 27.35
N GLU B 248 -10.62 -22.38 28.22
CA GLU B 248 -10.85 -23.77 27.81
C GLU B 248 -11.92 -23.85 26.71
N GLY B 249 -11.47 -24.15 25.49
CA GLY B 249 -12.34 -24.24 24.33
C GLY B 249 -12.31 -23.01 23.42
N TYR B 250 -12.38 -21.81 24.02
CA TYR B 250 -12.64 -20.58 23.25
C TYR B 250 -11.80 -19.38 23.69
N ASP B 251 -11.74 -18.40 22.80
CA ASP B 251 -11.07 -17.13 23.06
C ASP B 251 -12.08 -16.00 23.22
N VAL B 252 -11.62 -14.90 23.79
CA VAL B 252 -12.32 -13.63 23.69
C VAL B 252 -11.28 -12.65 23.14
N GLU B 253 -11.53 -12.17 21.93
CA GLU B 253 -10.65 -11.17 21.32
C GLU B 253 -11.19 -9.79 21.60
N SER B 254 -10.28 -8.84 21.75
CA SER B 254 -10.64 -7.44 21.94
C SER B 254 -9.46 -6.57 21.56
N VAL B 255 -9.74 -5.32 21.22
CA VAL B 255 -8.70 -4.30 21.08
C VAL B 255 -8.91 -3.25 22.17
N LEU B 256 -7.84 -2.88 22.84
CA LEU B 256 -7.87 -1.85 23.86
C LEU B 256 -6.96 -0.73 23.39
N ILE B 257 -7.50 0.49 23.41
CA ILE B 257 -6.74 1.68 23.07
C ILE B 257 -6.32 2.34 24.36
N ASN B 258 -5.07 2.77 24.40
CA ASN B 258 -4.54 3.53 25.51
C ASN B 258 -3.80 4.71 24.89
N CYS B 259 -4.38 5.91 25.03
CA CYS B 259 -3.81 7.10 24.43
C CYS B 259 -3.95 8.32 25.32
N HIS B 260 -3.16 9.33 25.01
CA HIS B 260 -3.16 10.56 25.75
C HIS B 260 -2.76 11.76 24.88
N TYR B 261 -3.09 12.95 25.35
CA TYR B 261 -2.47 14.17 24.84
C TYR B 261 -2.17 15.03 26.03
N PRO B 262 -1.03 15.73 25.99
CA PRO B 262 -0.64 16.63 27.06
C PRO B 262 -1.44 17.91 27.02
N VAL B 263 -1.95 18.31 28.19
CA VAL B 263 -2.59 19.61 28.36
C VAL B 263 -1.49 20.65 28.59
N SER B 264 -0.66 20.39 29.59
CA SER B 264 0.47 21.25 29.91
C SER B 264 1.62 20.33 30.30
N GLN B 265 2.72 20.90 30.78
CA GLN B 265 3.86 20.10 31.15
C GLN B 265 3.57 19.13 32.30
N ASP B 266 2.62 19.46 33.18
CA ASP B 266 2.34 18.61 34.36
C ASP B 266 0.92 18.08 34.38
N LYS B 267 0.33 17.96 33.21
CA LYS B 267 -1.04 17.49 33.12
C LYS B 267 -1.29 16.94 31.72
N PHE B 268 -2.11 15.88 31.65
CA PHE B 268 -2.51 15.30 30.37
C PHE B 268 -3.90 14.68 30.47
N VAL B 269 -4.52 14.49 29.31
CA VAL B 269 -5.80 13.80 29.21
C VAL B 269 -5.49 12.36 28.83
N LEU B 270 -6.03 11.43 29.61
CA LEU B 270 -5.82 10.01 29.39
C LEU B 270 -7.10 9.41 28.93
N MET B 271 -7.03 8.66 27.85
CA MET B 271 -8.21 8.02 27.29
C MET B 271 -7.97 6.57 26.99
N TYR B 272 -8.99 5.77 27.27
CA TYR B 272 -8.95 4.35 26.96
C TYR B 272 -10.31 3.87 26.49
N GLY B 273 -10.29 3.08 25.44
CA GLY B 273 -11.48 2.50 24.87
C GLY B 273 -11.24 1.11 24.33
N MET B 274 -12.33 0.38 24.11
CA MET B 274 -12.22 -1.01 23.73
C MET B 274 -13.37 -1.44 22.85
N ILE B 275 -13.05 -2.38 21.97
CA ILE B 275 -14.05 -3.12 21.22
C ILE B 275 -13.80 -4.59 21.51
N VAL B 276 -14.87 -5.37 21.55
CA VAL B 276 -14.79 -6.81 21.76
C VAL B 276 -15.44 -7.50 20.56
N LYS B 277 -14.83 -8.60 20.11
CA LYS B 277 -15.39 -9.42 19.04
C LYS B 277 -16.52 -10.30 19.59
N LYS B 278 -17.67 -10.29 18.92
CA LYS B 278 -18.84 -11.01 19.43
C LYS B 278 -18.70 -12.52 19.27
N SER B 279 -19.14 -13.24 20.31
CA SER B 279 -19.02 -14.69 20.40
C SER B 279 -19.88 -15.40 19.34
N ASP B 280 -19.32 -16.45 18.73
CA ASP B 280 -20.05 -17.26 17.74
C ASP B 280 -21.25 -17.96 18.38
N ARG B 281 -21.00 -18.64 19.48
CA ARG B 281 -22.00 -19.41 20.20
C ARG B 281 -23.22 -18.58 20.61
N LEU B 282 -22.96 -17.38 21.14
CA LEU B 282 -24.03 -16.50 21.56
C LEU B 282 -24.54 -15.69 20.36
N GLU B 283 -25.84 -15.41 20.35
CA GLU B 283 -26.47 -14.67 19.25
C GLU B 283 -27.52 -13.68 19.79
N GLY B 284 -28.25 -13.03 18.88
CA GLY B 284 -29.23 -12.02 19.27
C GLY B 284 -28.51 -10.79 19.80
N GLU B 285 -28.95 -10.29 20.95
CA GLU B 285 -28.21 -9.27 21.68
C GLU B 285 -27.94 -9.69 23.13
N LYS B 286 -28.01 -11.00 23.37
CA LYS B 286 -27.42 -11.60 24.56
C LYS B 286 -25.93 -11.88 24.26
N ALA B 287 -25.58 -11.89 22.97
CA ALA B 287 -24.18 -11.97 22.53
C ALA B 287 -23.47 -10.63 22.70
N LEU B 288 -24.17 -9.54 22.37
CA LEU B 288 -23.62 -8.19 22.46
C LEU B 288 -23.55 -7.64 23.90
N GLN B 289 -24.27 -8.28 24.83
CA GLN B 289 -24.26 -7.88 26.24
C GLN B 289 -23.18 -8.61 27.08
N THR B 290 -22.83 -9.82 26.67
CA THR B 290 -21.74 -10.54 27.32
C THR B 290 -20.41 -9.86 26.99
N ALA B 291 -20.31 -9.34 25.77
CA ALA B 291 -19.11 -8.65 25.28
C ALA B 291 -18.81 -7.36 26.06
N GLN B 292 -19.86 -6.70 26.53
CA GLN B 292 -19.69 -5.47 27.31
C GLN B 292 -19.19 -5.74 28.72
N GLN B 293 -19.61 -6.86 29.31
CA GLN B 293 -19.10 -7.28 30.62
C GLN B 293 -17.59 -7.54 30.59
N PHE B 294 -17.07 -7.97 29.45
CA PHE B 294 -15.63 -8.10 29.27
C PHE B 294 -14.98 -6.75 29.08
N GLY B 295 -15.70 -5.83 28.42
CA GLY B 295 -15.29 -4.43 28.36
C GLY B 295 -15.01 -3.89 29.75
N ASN B 296 -15.99 -4.02 30.64
CA ASN B 296 -15.88 -3.51 32.01
C ASN B 296 -14.71 -4.12 32.75
N PHE B 297 -14.53 -5.42 32.58
CA PHE B 297 -13.40 -6.13 33.17
C PHE B 297 -12.07 -5.58 32.66
N ILE B 298 -11.97 -5.36 31.35
CA ILE B 298 -10.77 -4.79 30.74
C ILE B 298 -10.52 -3.36 31.22
N ALA B 299 -11.59 -2.59 31.32
CA ALA B 299 -11.54 -1.24 31.86
C ALA B 299 -10.99 -1.24 33.29
N LYS B 300 -11.60 -2.06 34.15
CA LYS B 300 -11.12 -2.23 35.53
C LYS B 300 -9.63 -2.54 35.56
N GLY B 301 -9.20 -3.37 34.63
CA GLY B 301 -7.80 -3.72 34.48
C GLY B 301 -6.94 -2.51 34.23
N PHE B 302 -7.28 -1.74 33.21
CA PHE B 302 -6.52 -0.55 32.88
C PHE B 302 -6.55 0.45 34.04
N GLU B 303 -7.67 0.49 34.75
CA GLU B 303 -7.83 1.40 35.87
C GLU B 303 -6.88 1.07 37.04
N GLN B 304 -6.44 -0.18 37.13
CA GLN B 304 -5.41 -0.55 38.11
C GLN B 304 -4.12 0.24 37.84
N ASP B 305 -3.77 0.43 36.58
CA ASP B 305 -2.59 1.24 36.22
C ASP B 305 -2.74 2.72 36.54
N ILE B 306 -3.95 3.24 36.32
CA ILE B 306 -4.23 4.66 36.53
C ILE B 306 -3.97 5.01 38.00
N GLU B 307 -4.43 4.14 38.89
CA GLU B 307 -4.23 4.33 40.32
C GLU B 307 -2.75 4.55 40.63
N ILE B 308 -1.87 3.77 40.00
CA ILE B 308 -0.42 3.94 40.19
C ILE B 308 0.08 5.27 39.63
N TRP B 309 -0.34 5.62 38.43
CA TRP B 309 0.15 6.84 37.79
C TRP B 309 -0.27 8.10 38.53
N ARG B 310 -1.45 8.07 39.15
CA ARG B 310 -1.87 9.18 40.01
C ARG B 310 -1.00 9.34 41.26
N ASN B 311 -0.37 8.25 41.70
CA ASN B 311 0.31 8.23 42.98
C ASN B 311 1.77 7.91 42.87
N LYS B 312 2.49 8.69 42.08
CA LYS B 312 3.90 8.42 41.89
C LYS B 312 4.63 9.65 41.41
N THR B 313 5.95 9.57 41.35
CA THR B 313 6.77 10.71 40.99
C THR B 313 7.70 10.28 39.88
N ARG B 314 8.22 11.25 39.14
CA ARG B 314 9.20 10.99 38.11
C ARG B 314 10.52 10.66 38.76
N ILE B 315 11.19 9.62 38.25
CA ILE B 315 12.55 9.32 38.62
C ILE B 315 13.41 9.47 37.37
N ASP B 316 14.26 10.49 37.35
CA ASP B 316 15.11 10.74 36.19
C ASP B 316 16.15 9.65 35.99
N ASN B 317 16.65 9.09 37.09
CA ASN B 317 17.66 8.02 37.05
C ASN B 317 17.21 6.83 37.85
N PRO B 318 16.33 5.99 37.26
CA PRO B 318 15.82 4.83 37.95
C PRO B 318 16.93 3.94 38.46
N LEU B 319 16.66 3.31 39.59
CA LEU B 319 17.52 2.31 40.16
C LEU B 319 16.99 0.98 39.66
N LEU B 320 17.70 0.39 38.70
CA LEU B 320 17.23 -0.81 38.00
C LEU B 320 17.86 -2.08 38.55
N CYS B 321 17.05 -3.13 38.69
CA CYS B 321 17.57 -4.45 39.05
C CYS B 321 17.64 -5.34 37.82
N GLU B 322 18.20 -6.52 38.00
CA GLU B 322 18.41 -7.45 36.89
C GLU B 322 17.11 -7.90 36.24
N GLU B 323 15.98 -7.81 36.93
CA GLU B 323 14.69 -8.16 36.30
C GLU B 323 13.88 -6.96 35.78
N ASP B 324 14.55 -5.84 35.49
CA ASP B 324 13.91 -4.67 34.89
C ASP B 324 13.95 -4.73 33.36
N GLY B 325 12.87 -4.29 32.74
CA GLY B 325 12.84 -4.08 31.30
C GLY B 325 13.81 -2.98 30.90
N PRO B 326 13.99 -2.78 29.58
CA PRO B 326 14.99 -1.83 29.11
C PRO B 326 14.47 -0.37 29.17
N VAL B 327 14.52 0.20 30.38
CA VAL B 327 14.00 1.53 30.64
C VAL B 327 14.82 2.59 29.94
N TYR B 328 16.14 2.57 30.08
CA TYR B 328 16.93 3.61 29.46
C TYR B 328 16.83 3.59 27.94
N GLN B 329 16.61 2.42 27.36
CA GLN B 329 16.51 2.33 25.90
C GLN B 329 15.13 2.79 25.40
N LEU B 330 14.10 2.48 26.18
CA LEU B 330 12.79 3.03 25.94
C LEU B 330 12.76 4.57 25.95
N ARG B 331 13.40 5.15 26.97
CA ARG B 331 13.40 6.59 27.11
C ARG B 331 14.23 7.21 26.00
N ARG B 332 15.28 6.51 25.58
CA ARG B 332 16.09 6.95 24.46
C ARG B 332 15.26 6.98 23.19
N TRP B 333 14.46 5.95 22.98
CA TRP B 333 13.53 5.93 21.86
C TRP B 333 12.52 7.10 21.95
N TYR B 334 11.89 7.27 23.10
CA TYR B 334 10.86 8.29 23.30
C TYR B 334 11.41 9.71 23.09
N GLU B 335 12.69 9.90 23.38
CA GLU B 335 13.34 11.18 23.20
C GLU B 335 13.31 11.67 21.75
N GLN B 336 13.13 10.77 20.78
CA GLN B 336 13.12 11.19 19.37
C GLN B 336 12.05 12.25 19.10
N PHE B 337 10.97 12.18 19.86
CA PHE B 337 9.81 13.02 19.65
C PHE B 337 9.93 14.46 20.21
N TYR B 338 10.98 14.71 20.99
CA TYR B 338 11.24 16.00 21.63
C TYR B 338 12.50 16.68 21.09
N VAL B 339 12.98 16.24 19.92
CA VAL B 339 14.06 16.94 19.23
C VAL B 339 13.62 17.15 17.79
N ASP B 340 14.31 18.05 17.08
CA ASP B 340 13.99 18.31 15.69
C ASP B 340 14.32 17.08 14.86
N VAL B 341 13.51 16.79 13.85
CA VAL B 341 13.70 15.60 13.01
C VAL B 341 15.13 15.46 12.49
N GLU B 342 15.80 16.58 12.25
CA GLU B 342 17.18 16.57 11.76
C GLU B 342 18.18 16.17 12.85
N ASP B 343 17.75 16.26 14.11
CA ASP B 343 18.58 15.88 15.25
C ASP B 343 18.28 14.50 15.82
N VAL B 344 17.33 13.78 15.23
CA VAL B 344 17.01 12.44 15.68
C VAL B 344 18.22 11.54 15.47
N ALA B 345 18.75 10.98 16.56
CA ALA B 345 19.93 10.12 16.48
C ALA B 345 19.54 8.70 16.06
N PRO B 346 20.45 8.00 15.36
CA PRO B 346 20.17 6.60 14.97
C PRO B 346 19.87 5.70 16.17
N GLU B 347 20.58 5.90 17.28
CA GLU B 347 20.37 5.08 18.48
C GLU B 347 18.95 5.18 19.04
N MET B 348 18.22 6.24 18.69
CA MET B 348 16.83 6.39 19.10
C MET B 348 15.93 5.54 18.23
N THR B 349 16.29 5.43 16.96
CA THR B 349 15.40 4.83 15.96
C THR B 349 15.82 3.43 15.53
N ASP B 350 17.10 3.10 15.68
CA ASP B 350 17.61 1.77 15.34
C ASP B 350 16.90 0.71 16.15
N ARG B 351 16.58 -0.39 15.49
CA ARG B 351 15.91 -1.51 16.13
C ARG B 351 16.59 -1.92 17.43
N PHE B 352 15.79 -2.16 18.46
CA PHE B 352 16.27 -2.69 19.72
C PHE B 352 15.29 -3.76 20.20
N GLU B 353 15.83 -4.94 20.49
CA GLU B 353 15.04 -6.08 20.97
C GLU B 353 15.50 -6.48 22.35
N PHE B 354 14.56 -6.99 23.14
CA PHE B 354 14.84 -7.46 24.48
C PHE B 354 13.74 -8.43 24.81
N GLU B 355 14.05 -9.72 24.76
CA GLU B 355 13.13 -10.77 25.19
C GLU B 355 13.58 -11.19 26.58
N MET B 356 12.66 -11.25 27.53
CA MET B 356 13.07 -11.58 28.89
C MET B 356 12.81 -13.04 29.17
N ASP B 357 13.82 -13.71 29.71
CA ASP B 357 13.60 -15.01 30.35
C ASP B 357 13.00 -14.77 31.73
N THR B 358 11.69 -14.94 31.85
CA THR B 358 11.02 -14.58 33.09
C THR B 358 10.91 -15.72 34.09
N THR B 359 11.70 -16.78 33.90
CA THR B 359 11.46 -18.01 34.67
C THR B 359 11.78 -17.83 36.14
N ARG B 360 12.91 -17.19 36.45
CA ARG B 360 13.28 -16.93 37.84
C ARG B 360 12.26 -16.04 38.55
N PRO B 361 12.00 -14.83 38.01
CA PRO B 361 11.03 -14.01 38.70
C PRO B 361 9.70 -14.72 38.89
N VAL B 362 9.25 -15.45 37.87
CA VAL B 362 7.97 -16.15 37.96
C VAL B 362 8.02 -17.30 38.99
N ALA B 363 9.17 -17.95 39.11
CA ALA B 363 9.34 -18.99 40.13
C ALA B 363 9.09 -18.38 41.50
N ALA B 364 9.80 -17.28 41.77
CA ALA B 364 9.63 -16.53 43.03
C ALA B 364 8.18 -16.19 43.30
N TRP B 365 7.46 -15.70 42.29
CA TRP B 365 6.07 -15.35 42.48
C TRP B 365 5.20 -16.57 42.74
N MET B 366 5.57 -17.70 42.14
CA MET B 366 4.82 -18.95 42.32
C MET B 366 4.90 -19.43 43.77
N LYS B 367 6.10 -19.42 44.34
CA LYS B 367 6.28 -19.73 45.76
C LYS B 367 5.37 -18.85 46.61
N GLU B 368 5.39 -17.55 46.32
CA GLU B 368 4.59 -16.60 47.08
C GLU B 368 3.13 -16.99 47.03
N VAL B 369 2.63 -17.28 45.84
CA VAL B 369 1.20 -17.60 45.67
C VAL B 369 0.82 -18.90 46.40
N GLU B 370 1.73 -19.87 46.44
CA GLU B 370 1.48 -21.09 47.21
C GLU B 370 1.39 -20.78 48.70
N ALA B 371 2.40 -20.07 49.21
CA ALA B 371 2.39 -19.60 50.59
C ALA B 371 1.07 -18.89 50.95
N ASN B 372 0.56 -18.08 50.04
CA ASN B 372 -0.71 -17.39 50.24
C ASN B 372 -1.92 -18.32 50.24
N ILE B 373 -1.94 -19.27 49.31
CA ILE B 373 -3.03 -20.25 49.25
C ILE B 373 -2.98 -21.15 50.48
N ALA B 374 -1.78 -21.62 50.81
CA ALA B 374 -1.56 -22.38 52.04
C ALA B 374 -2.00 -21.58 53.27
N ARG B 375 -1.51 -20.35 53.41
CA ARG B 375 -1.85 -19.50 54.56
C ARG B 375 -3.37 -19.38 54.76
N LYS B 376 -4.13 -19.44 53.66
CA LYS B 376 -5.58 -19.45 53.77
C LYS B 376 -6.14 -20.84 54.21
N ALA B 377 -5.30 -21.67 54.82
CA ALA B 377 -5.74 -22.78 55.67
C ALA B 377 -5.99 -22.27 57.11
N ALA B 378 -5.95 -20.95 57.30
CA ALA B 378 -6.56 -20.31 58.46
C ALA B 378 -8.03 -19.97 58.15
N LEU B 379 -8.53 -20.40 57.01
CA LEU B 379 -9.95 -20.30 56.67
C LEU B 379 -10.75 -21.37 57.42
N ASP B 380 -10.10 -22.50 57.71
CA ASP B 380 -10.70 -23.56 58.52
C ASP B 380 -10.16 -23.56 59.96
N THR B 381 -9.70 -22.40 60.44
CA THR B 381 -9.39 -22.21 61.86
C THR B 381 -10.65 -21.70 62.57
N GLU B 382 -11.38 -20.77 61.94
CA GLU B 382 -12.64 -20.26 62.50
C GLU B 382 -13.85 -21.11 62.04
N THR B 383 -13.58 -22.19 61.29
CA THR B 383 -14.57 -23.24 61.02
C THR B 383 -14.75 -24.16 62.24
N ARG B 384 -13.84 -24.04 63.23
CA ARG B 384 -13.87 -24.77 64.51
C ARG B 384 -14.10 -26.27 64.35
FE1 FES C . -31.43 -11.45 -20.23
FE2 FES C . -28.70 -10.64 -20.08
S1 FES C . -29.72 -11.83 -21.62
S2 FES C . -30.43 -10.09 -18.83
FE FE2 D . 13.78 -5.86 -32.28
C1 GOL E . 16.50 -9.55 -13.50
O1 GOL E . 16.56 -10.91 -13.95
C2 GOL E . 15.14 -8.94 -13.85
O2 GOL E . 14.17 -9.39 -12.89
C3 GOL E . 15.19 -7.40 -13.86
O3 GOL E . 14.71 -6.81 -15.09
O1 PG4 F . 4.14 -11.70 -14.27
C1 PG4 F . 2.86 -12.34 -14.61
C2 PG4 F . 2.86 -13.61 -15.50
O2 PG4 F . 2.18 -14.79 -15.00
C3 PG4 F . 2.88 -16.04 -15.21
C4 PG4 F . 2.31 -17.32 -14.53
O3 PG4 F . 3.12 -17.92 -13.48
C5 PG4 F . 3.66 -19.25 -13.72
C6 PG4 F . 4.94 -19.69 -12.97
O4 PG4 F . 4.71 -20.82 -12.07
C7 PG4 F . 5.17 -20.75 -10.71
C8 PG4 F . 4.44 -19.70 -9.88
O5 PG4 F . 3.44 -20.34 -9.08
FE FE2 G . -0.18 -2.32 33.42
FE1 FES H . -13.02 39.86 16.29
FE2 FES H . -12.77 36.90 16.55
S1 FES H . -12.05 38.56 17.85
S2 FES H . -13.88 38.20 15.10
CAE 30Q I . -5.13 -5.27 30.20
CCQ 30Q I . -3.71 -5.34 30.83
CBH 30Q I . -3.44 -4.07 31.63
CBG 30Q I . -3.23 -2.82 30.69
CCJ 30Q I . -1.92 -3.03 29.85
CCP 30Q I . -1.43 -1.77 28.98
CAD 30Q I . -2.57 -1.27 28.06
CAU 30Q I . -1.10 -0.63 29.75
CAT 30Q I . 0.07 0.11 29.62
CBV 30Q I . 1.08 -0.30 28.75
OAG 30Q I . 2.15 0.32 28.64
CAV 30Q I . 0.85 -1.46 28.01
CBZ 30Q I . -0.33 -2.19 28.14
CBC 30Q I . -0.46 -3.29 27.33
CBD 30Q I . -0.83 -4.49 28.21
CCH 30Q I . -2.14 -4.25 28.95
CCK 30Q I . -2.52 -5.47 29.81
CBF 30Q I . -2.91 -6.69 29.02
CBE 30Q I . -2.94 -7.67 30.23
CCI 30Q I . -3.27 -6.76 31.49
CCD 30Q I . -4.11 -7.55 32.57
CAA 30Q I . -3.23 -8.76 32.96
CBY 30Q I . -5.47 -8.18 32.23
OAJ 30Q I . -5.99 -8.08 31.12
SBU 30Q I . -6.20 -9.20 33.59
CBA 30Q I . -6.84 -7.93 34.77
P PO4 J . 3.10 24.29 21.00
O1 PO4 J . 3.80 23.88 22.27
O2 PO4 J . 3.57 23.41 19.85
O3 PO4 J . 1.61 24.17 21.17
O4 PO4 J . 3.44 25.72 20.67
#